data_7BLE
#
_entry.id   7BLE
#
_cell.length_a   45.714
_cell.length_b   62.189
_cell.length_c   107.69
_cell.angle_alpha   91.51
_cell.angle_beta   98.09
_cell.angle_gamma   111.54
#
_symmetry.space_group_name_H-M   'P 1'
#
loop_
_entity.id
_entity.type
_entity.pdbx_description
1 polymer 'Nicotinamide N-methyltransferase'
2 non-polymer S-ADENOSYL-L-HOMOCYSTEINE
3 non-polymer 3-ethyl-1,3-diazatricyclo[6.3.1.0^{4,12}]dodeca-4,6,8(12)-trien-2-imine
4 water water
#
_entity_poly.entity_id   1
_entity_poly.type   'polypeptide(L)'
_entity_poly.pdbx_seq_one_letter_code
;MGSSHHHHHHSSGLVPRGSMESGFTSKDTYLSHFNPRDYLEKYYKFGSRHSAESQILKHLLKNLFKIFCLDGVKGDLLID
IGSGPTIYQLLSACESFKEIVVTDYSDQNLQELEKWLKAAPAAFDWSPVVTYVCDLEGNRVKGPEKEEKLRQAVKQVLKC
DVTQSQPLGAVPLPPADCVLSTLCLDAACPDLPTYCRALRNLGSLLKPGGFLVIMDALKSSYYMIGEQKFSSLPLGREAV
EAAVKEAGYTIEWFEVISQSYSSTMANNEGLFSLVARKLSRPL
;
_entity_poly.pdbx_strand_id   A,B,C,D
#
# COMPACT_ATOMS: atom_id res chain seq x y z
N SER A 12 11.08 -7.54 5.19
CA SER A 12 11.14 -9.00 5.06
C SER A 12 9.78 -9.57 4.62
N GLY A 13 9.79 -10.51 3.69
CA GLY A 13 8.56 -11.12 3.19
C GLY A 13 8.59 -12.63 3.07
N LEU A 14 9.63 -13.27 3.64
CA LEU A 14 9.79 -14.73 3.66
C LEU A 14 8.78 -15.37 4.62
N VAL A 15 8.53 -14.68 5.73
CA VAL A 15 7.64 -15.13 6.77
C VAL A 15 6.75 -13.93 7.19
N PRO A 16 5.48 -14.15 7.59
CA PRO A 16 4.63 -13.01 7.99
C PRO A 16 5.21 -12.18 9.17
N ARG A 17 4.85 -10.90 9.27
CA ARG A 17 5.36 -10.05 10.34
C ARG A 17 4.94 -10.57 11.70
N GLY A 18 5.88 -10.60 12.66
CA GLY A 18 5.66 -11.10 14.00
C GLY A 18 5.73 -12.61 14.17
N SER A 19 6.25 -13.33 13.14
CA SER A 19 6.30 -14.77 13.18
C SER A 19 7.68 -15.39 13.12
N MET A 20 8.76 -14.60 13.17
CA MET A 20 10.09 -15.16 13.06
C MET A 20 10.46 -16.10 14.22
N GLU A 21 10.36 -15.61 15.45
CA GLU A 21 10.69 -16.42 16.62
C GLU A 21 9.68 -17.56 16.81
N SER A 22 8.39 -17.27 16.99
CA SER A 22 7.33 -18.27 17.27
C SER A 22 6.83 -19.14 16.09
N GLY A 23 6.56 -18.55 14.93
CA GLY A 23 6.01 -19.27 13.78
C GLY A 23 4.68 -18.70 13.30
N PHE A 24 4.05 -17.88 14.14
CA PHE A 24 2.78 -17.25 13.84
C PHE A 24 2.87 -15.80 14.32
N THR A 25 2.16 -14.90 13.65
CA THR A 25 2.11 -13.48 13.99
C THR A 25 1.74 -13.29 15.48
N SER A 26 2.48 -12.44 16.17
CA SER A 26 2.28 -12.22 17.59
C SER A 26 1.11 -11.27 17.79
N LYS A 27 0.40 -11.32 18.96
CA LYS A 27 -0.74 -10.41 19.15
C LYS A 27 -0.32 -8.96 19.07
N ASP A 28 0.84 -8.60 19.68
CA ASP A 28 1.28 -7.20 19.63
C ASP A 28 1.58 -6.72 18.19
N THR A 29 1.72 -7.64 17.23
CA THR A 29 1.92 -7.27 15.83
C THR A 29 0.65 -6.57 15.31
N TYR A 30 -0.53 -6.97 15.81
CA TYR A 30 -1.82 -6.37 15.48
C TYR A 30 -1.94 -4.98 16.09
N LEU A 31 -1.32 -4.72 17.24
CA LEU A 31 -1.38 -3.38 17.85
C LEU A 31 -0.53 -2.38 17.10
N SER A 32 0.63 -2.86 16.59
CA SER A 32 1.60 -2.04 15.89
C SER A 32 1.41 -1.93 14.38
N HIS A 33 1.49 -3.04 13.65
CA HIS A 33 1.52 -3.01 12.19
C HIS A 33 0.21 -3.30 11.50
N PHE A 34 -0.91 -3.32 12.24
CA PHE A 34 -2.19 -3.52 11.59
C PHE A 34 -2.77 -2.15 11.36
N ASN A 35 -3.10 -1.81 10.10
CA ASN A 35 -3.69 -0.51 9.80
C ASN A 35 -5.15 -0.63 9.33
N PRO A 36 -6.12 -0.15 10.13
CA PRO A 36 -7.52 -0.23 9.69
C PRO A 36 -7.80 0.40 8.33
N ARG A 37 -7.26 1.58 8.05
CA ARG A 37 -7.50 2.25 6.75
C ARG A 37 -7.12 1.41 5.53
N ASP A 38 -5.99 0.70 5.59
CA ASP A 38 -5.56 -0.14 4.47
C ASP A 38 -6.28 -1.48 4.47
N TYR A 39 -6.62 -2.04 5.64
CA TYR A 39 -7.40 -3.29 5.71
C TYR A 39 -8.77 -3.05 5.06
N LEU A 40 -9.39 -1.90 5.37
CA LEU A 40 -10.68 -1.46 4.85
C LEU A 40 -10.62 -1.22 3.35
N GLU A 41 -9.63 -0.48 2.88
CA GLU A 41 -9.47 -0.21 1.45
C GLU A 41 -9.12 -1.49 0.65
N LYS A 42 -8.37 -2.41 1.26
CA LYS A 42 -7.94 -3.63 0.57
C LYS A 42 -9.05 -4.68 0.35
N TYR A 43 -9.99 -4.80 1.29
CA TYR A 43 -11.01 -5.83 1.23
C TYR A 43 -12.49 -5.35 1.20
N TYR A 44 -12.77 -4.13 1.68
CA TYR A 44 -14.15 -3.65 1.80
C TYR A 44 -14.47 -2.35 1.06
N LYS A 45 -13.51 -1.81 0.29
CA LYS A 45 -13.70 -0.56 -0.44
C LYS A 45 -14.76 -0.67 -1.52
N ARG A 49 -13.19 -3.62 -9.40
CA ARG A 49 -14.63 -3.40 -9.59
C ARG A 49 -15.47 -4.56 -9.02
N HIS A 50 -15.62 -5.70 -9.76
CA HIS A 50 -16.35 -6.89 -9.27
C HIS A 50 -15.32 -7.95 -8.85
N SER A 51 -14.31 -7.52 -8.08
CA SER A 51 -13.17 -8.28 -7.57
C SER A 51 -13.50 -9.60 -6.85
N ALA A 52 -12.45 -10.41 -6.54
CA ALA A 52 -12.59 -11.64 -5.76
C ALA A 52 -13.11 -11.29 -4.37
N GLU A 53 -12.65 -10.15 -3.79
CA GLU A 53 -13.02 -9.62 -2.48
C GLU A 53 -14.45 -9.10 -2.47
N SER A 54 -14.91 -8.54 -3.59
CA SER A 54 -16.28 -8.07 -3.71
C SER A 54 -17.20 -9.28 -3.72
N GLN A 55 -16.84 -10.37 -4.44
CA GLN A 55 -17.66 -11.57 -4.47
C GLN A 55 -17.70 -12.26 -3.12
N ILE A 56 -16.59 -12.24 -2.38
CA ILE A 56 -16.56 -12.88 -1.07
C ILE A 56 -17.45 -12.14 -0.10
N LEU A 57 -17.38 -10.82 -0.10
CA LEU A 57 -18.20 -9.94 0.72
C LEU A 57 -19.69 -10.17 0.42
N LYS A 58 -20.05 -10.29 -0.88
CA LYS A 58 -21.43 -10.58 -1.29
C LYS A 58 -21.89 -11.94 -0.78
N HIS A 59 -20.96 -12.89 -0.65
CA HIS A 59 -21.28 -14.21 -0.15
C HIS A 59 -21.51 -14.19 1.36
N LEU A 60 -20.64 -13.50 2.11
CA LEU A 60 -20.80 -13.43 3.56
C LEU A 60 -22.07 -12.63 3.90
N LEU A 61 -22.35 -11.54 3.15
CA LEU A 61 -23.58 -10.77 3.35
C LEU A 61 -24.83 -11.59 3.09
N LYS A 62 -24.91 -12.33 1.95
CA LYS A 62 -26.10 -13.18 1.65
C LYS A 62 -26.28 -14.25 2.71
N ASN A 63 -25.18 -14.77 3.26
CA ASN A 63 -25.22 -15.78 4.30
C ASN A 63 -25.67 -15.20 5.62
N LEU A 64 -25.18 -14.01 6.01
CA LEU A 64 -25.60 -13.34 7.26
C LEU A 64 -27.09 -12.97 7.17
N PHE A 65 -27.59 -12.65 5.96
CA PHE A 65 -28.99 -12.34 5.71
C PHE A 65 -29.85 -13.61 5.94
N LYS A 66 -29.35 -14.78 5.53
CA LYS A 66 -30.07 -16.03 5.75
C LYS A 66 -30.08 -16.37 7.24
N ILE A 67 -28.93 -16.30 7.92
CA ILE A 67 -28.87 -16.63 9.34
C ILE A 67 -29.74 -15.71 10.20
N PHE A 68 -29.61 -14.40 10.03
CA PHE A 68 -30.32 -13.48 10.91
C PHE A 68 -31.76 -13.11 10.48
N CYS A 69 -32.16 -13.33 9.21
CA CYS A 69 -33.49 -12.89 8.77
C CYS A 69 -34.43 -14.00 8.31
N LEU A 70 -33.87 -15.12 7.81
CA LEU A 70 -34.71 -16.23 7.34
C LEU A 70 -34.79 -17.32 8.42
N ASP A 71 -33.66 -17.63 9.08
CA ASP A 71 -33.53 -18.63 10.13
C ASP A 71 -33.86 -18.09 11.53
N GLY A 72 -33.97 -19.00 12.50
CA GLY A 72 -34.30 -18.65 13.87
C GLY A 72 -33.15 -18.16 14.74
N VAL A 73 -32.44 -17.10 14.28
CA VAL A 73 -31.37 -16.53 15.08
C VAL A 73 -31.73 -15.12 15.51
N LYS A 74 -32.56 -15.02 16.55
CA LYS A 74 -33.06 -13.77 17.14
C LYS A 74 -32.82 -13.78 18.67
N GLY A 75 -32.76 -12.60 19.28
CA GLY A 75 -32.55 -12.50 20.71
C GLY A 75 -32.29 -11.09 21.19
N ASP A 76 -31.65 -10.97 22.37
CA ASP A 76 -31.30 -9.69 22.96
C ASP A 76 -29.84 -9.33 22.67
N LEU A 77 -28.86 -10.04 23.25
CA LEU A 77 -27.46 -9.71 23.00
C LEU A 77 -26.76 -10.58 21.96
N LEU A 78 -25.99 -9.92 21.07
CA LEU A 78 -25.08 -10.53 20.11
C LEU A 78 -23.72 -9.88 20.39
N ILE A 79 -22.74 -10.68 20.84
CA ILE A 79 -21.38 -10.16 21.02
C ILE A 79 -20.65 -10.53 19.73
N ASP A 80 -19.98 -9.54 19.10
CA ASP A 80 -19.19 -9.75 17.90
C ASP A 80 -17.75 -9.81 18.36
N ILE A 81 -17.06 -10.93 18.09
CA ILE A 81 -15.66 -11.11 18.48
C ILE A 81 -14.67 -10.82 17.32
N GLY A 82 -13.72 -9.92 17.58
CA GLY A 82 -12.68 -9.55 16.62
C GLY A 82 -13.30 -8.86 15.43
N SER A 83 -14.02 -7.75 15.68
CA SER A 83 -14.75 -7.01 14.66
C SER A 83 -13.87 -6.23 13.67
N GLY A 84 -12.63 -5.95 14.05
CA GLY A 84 -11.73 -5.12 13.26
C GLY A 84 -12.29 -3.72 13.14
N PRO A 85 -12.08 -3.06 12.00
CA PRO A 85 -12.74 -1.76 11.77
C PRO A 85 -14.02 -1.93 10.93
N THR A 86 -14.56 -3.16 10.85
CA THR A 86 -15.67 -3.46 9.98
C THR A 86 -17.00 -3.60 10.67
N ILE A 87 -18.08 -3.28 9.92
CA ILE A 87 -19.47 -3.35 10.37
C ILE A 87 -20.37 -4.07 9.35
N TYR A 88 -19.82 -4.62 8.24
CA TYR A 88 -20.66 -5.33 7.25
C TYR A 88 -21.37 -6.52 7.92
N GLN A 89 -20.67 -7.19 8.87
CA GLN A 89 -21.12 -8.38 9.56
C GLN A 89 -22.25 -8.15 10.55
N LEU A 90 -22.56 -6.88 10.87
CA LEU A 90 -23.60 -6.57 11.85
C LEU A 90 -24.94 -6.17 11.20
N LEU A 91 -24.88 -5.62 9.97
CA LEU A 91 -25.99 -5.08 9.19
C LEU A 91 -27.31 -5.85 9.26
N SER A 92 -27.30 -7.18 9.08
CA SER A 92 -28.53 -8.00 9.12
C SER A 92 -28.89 -8.49 10.54
N ALA A 93 -27.91 -8.57 11.41
CA ALA A 93 -28.12 -8.99 12.79
C ALA A 93 -28.86 -7.94 13.61
N CYS A 94 -28.80 -6.65 13.22
CA CYS A 94 -29.46 -5.60 13.98
C CYS A 94 -31.01 -5.62 13.84
N GLU A 95 -31.52 -6.46 12.92
CA GLU A 95 -32.93 -6.68 12.70
C GLU A 95 -33.50 -7.80 13.62
N SER A 96 -32.62 -8.61 14.25
CA SER A 96 -32.97 -9.76 15.08
C SER A 96 -32.47 -9.61 16.51
N PHE A 97 -31.39 -8.81 16.71
CA PHE A 97 -30.80 -8.59 18.02
C PHE A 97 -31.07 -7.18 18.50
N LYS A 98 -31.54 -7.05 19.75
CA LYS A 98 -31.86 -5.76 20.36
C LYS A 98 -30.55 -5.00 20.68
N GLU A 99 -29.53 -5.72 21.17
CA GLU A 99 -28.25 -5.14 21.56
C GLU A 99 -27.10 -5.90 20.93
N ILE A 100 -26.11 -5.15 20.37
CA ILE A 100 -24.88 -5.69 19.80
C ILE A 100 -23.69 -5.16 20.63
N VAL A 101 -22.67 -5.99 20.85
CA VAL A 101 -21.46 -5.56 21.53
C VAL A 101 -20.29 -5.87 20.58
N VAL A 102 -19.65 -4.85 20.02
CA VAL A 102 -18.54 -5.03 19.10
C VAL A 102 -17.25 -5.04 19.89
N THR A 103 -16.33 -5.98 19.59
CA THR A 103 -15.06 -6.08 20.34
C THR A 103 -13.85 -6.29 19.41
N ASP A 104 -12.63 -6.03 19.90
CA ASP A 104 -11.40 -6.30 19.14
C ASP A 104 -10.14 -6.15 20.02
N TYR A 105 -9.03 -6.82 19.64
CA TYR A 105 -7.77 -6.73 20.38
C TYR A 105 -7.00 -5.47 20.02
N SER A 106 -7.05 -5.08 18.76
CA SER A 106 -6.31 -3.91 18.27
C SER A 106 -7.09 -2.61 18.53
N ASP A 107 -6.49 -1.72 19.35
CA ASP A 107 -7.10 -0.45 19.79
C ASP A 107 -7.47 0.44 18.63
N GLN A 108 -6.58 0.59 17.64
CA GLN A 108 -6.83 1.44 16.49
C GLN A 108 -8.09 0.98 15.69
N ASN A 109 -8.42 -0.32 15.74
CA ASN A 109 -9.63 -0.83 15.11
C ASN A 109 -10.86 -0.36 15.87
N LEU A 110 -10.84 -0.42 17.23
CA LEU A 110 -11.97 0.06 18.03
C LEU A 110 -12.16 1.59 17.83
N GLN A 111 -11.06 2.33 17.57
CA GLN A 111 -11.12 3.76 17.30
C GLN A 111 -11.78 3.99 15.96
N GLU A 112 -11.45 3.18 14.93
CA GLU A 112 -12.08 3.28 13.61
C GLU A 112 -13.58 2.93 13.71
N LEU A 113 -13.96 2.04 14.64
CA LEU A 113 -15.37 1.69 14.84
C LEU A 113 -16.09 2.81 15.57
N GLU A 114 -15.42 3.45 16.56
CA GLU A 114 -16.01 4.55 17.33
C GLU A 114 -16.23 5.78 16.46
N LYS A 115 -15.38 5.99 15.42
CA LYS A 115 -15.58 7.07 14.46
C LYS A 115 -16.86 6.78 13.69
N TRP A 116 -17.10 5.52 13.30
CA TRP A 116 -18.29 5.13 12.58
C TRP A 116 -19.56 5.27 13.41
N LEU A 117 -19.54 4.92 14.69
CA LEU A 117 -20.68 5.12 15.60
C LEU A 117 -21.00 6.61 15.70
N LYS A 118 -19.98 7.47 15.69
CA LYS A 118 -20.14 8.91 15.74
C LYS A 118 -20.54 9.53 14.38
N ALA A 119 -20.61 8.73 13.30
CA ALA A 119 -20.87 9.15 11.92
C ALA A 119 -19.97 10.32 11.52
N ALA A 120 -18.69 10.18 11.88
CA ALA A 120 -17.67 11.18 11.62
C ALA A 120 -17.32 11.23 10.12
N PRO A 121 -16.89 12.40 9.61
CA PRO A 121 -16.53 12.49 8.17
C PRO A 121 -15.25 11.74 7.85
N ALA A 122 -14.35 11.60 8.83
CA ALA A 122 -13.11 10.84 8.71
C ALA A 122 -13.36 9.33 8.60
N ALA A 123 -14.54 8.84 9.08
CA ALA A 123 -14.86 7.43 9.06
C ALA A 123 -15.05 6.87 7.67
N PHE A 124 -14.84 5.54 7.50
CA PHE A 124 -14.95 4.80 6.25
C PHE A 124 -16.38 4.78 5.78
N ASP A 125 -16.62 4.90 4.47
CA ASP A 125 -17.97 4.92 3.93
C ASP A 125 -18.50 3.54 3.55
N TRP A 126 -19.42 2.97 4.37
CA TRP A 126 -20.04 1.67 4.11
C TRP A 126 -21.31 1.76 3.27
N SER A 127 -21.63 2.92 2.64
CA SER A 127 -22.86 3.07 1.84
C SER A 127 -23.11 1.99 0.77
N PRO A 128 -22.12 1.65 -0.11
CA PRO A 128 -22.38 0.56 -1.08
C PRO A 128 -22.81 -0.73 -0.37
N VAL A 129 -22.13 -1.13 0.72
CA VAL A 129 -22.48 -2.34 1.46
C VAL A 129 -23.88 -2.24 2.12
N VAL A 130 -24.19 -1.09 2.77
CA VAL A 130 -25.49 -0.87 3.41
C VAL A 130 -26.62 -0.96 2.38
N THR A 131 -26.47 -0.26 1.24
CA THR A 131 -27.46 -0.32 0.16
C THR A 131 -27.66 -1.78 -0.32
N TYR A 132 -26.59 -2.54 -0.49
CA TYR A 132 -26.67 -3.92 -0.96
C TYR A 132 -27.49 -4.80 -0.04
N VAL A 133 -27.27 -4.66 1.26
CA VAL A 133 -27.98 -5.39 2.30
C VAL A 133 -29.46 -5.01 2.29
N CYS A 134 -29.77 -3.71 2.02
CA CYS A 134 -31.14 -3.22 1.96
C CYS A 134 -31.89 -3.85 0.80
N ASP A 135 -31.21 -4.03 -0.36
CA ASP A 135 -31.81 -4.72 -1.49
C ASP A 135 -31.98 -6.22 -1.18
N LEU A 136 -31.07 -6.81 -0.36
CA LEU A 136 -31.19 -8.22 0.03
C LEU A 136 -32.42 -8.39 0.89
N GLU A 137 -32.66 -7.44 1.82
CA GLU A 137 -33.79 -7.46 2.75
C GLU A 137 -35.10 -6.95 2.16
N GLY A 138 -35.23 -7.03 0.84
CA GLY A 138 -36.45 -6.62 0.15
C GLY A 138 -36.76 -5.14 0.04
N ASN A 139 -35.85 -4.28 0.47
CA ASN A 139 -35.99 -2.84 0.42
C ASN A 139 -37.11 -2.25 1.28
N ARG A 140 -37.33 -2.81 2.48
CA ARG A 140 -38.31 -2.26 3.40
C ARG A 140 -37.88 -0.84 3.83
N VAL A 141 -36.55 -0.60 3.97
CA VAL A 141 -35.94 0.69 4.32
C VAL A 141 -34.79 1.06 3.35
N LYS A 142 -34.34 2.34 3.39
CA LYS A 142 -33.24 2.78 2.56
C LYS A 142 -31.91 2.73 3.35
N GLY A 143 -30.81 3.04 2.68
CA GLY A 143 -29.47 3.04 3.25
C GLY A 143 -29.27 3.83 4.53
N PRO A 144 -29.62 5.14 4.56
CA PRO A 144 -29.39 5.92 5.78
C PRO A 144 -30.17 5.46 7.02
N GLU A 145 -31.37 4.94 6.82
CA GLU A 145 -32.21 4.44 7.91
C GLU A 145 -31.64 3.17 8.51
N LYS A 146 -30.99 2.34 7.68
CA LYS A 146 -30.38 1.08 8.09
C LYS A 146 -29.16 1.32 8.96
N GLU A 147 -28.20 2.19 8.53
CA GLU A 147 -27.00 2.51 9.32
C GLU A 147 -27.34 3.08 10.69
N GLU A 148 -28.45 3.81 10.76
CA GLU A 148 -28.88 4.42 12.00
C GLU A 148 -29.42 3.35 12.97
N LYS A 149 -30.10 2.33 12.44
CA LYS A 149 -30.62 1.25 13.28
C LYS A 149 -29.48 0.40 13.85
N LEU A 150 -28.40 0.21 13.08
CA LEU A 150 -27.25 -0.56 13.53
C LEU A 150 -26.51 0.24 14.60
N ARG A 151 -26.31 1.57 14.35
CA ARG A 151 -25.63 2.46 15.27
C ARG A 151 -26.28 2.46 16.64
N GLN A 152 -27.62 2.54 16.68
CA GLN A 152 -28.35 2.47 17.95
C GLN A 152 -28.22 1.12 18.62
N ALA A 153 -28.18 0.02 17.84
CA ALA A 153 -28.05 -1.33 18.39
C ALA A 153 -26.66 -1.59 19.00
N VAL A 154 -25.59 -0.94 18.49
CA VAL A 154 -24.25 -1.14 19.07
C VAL A 154 -24.21 -0.44 20.42
N LYS A 155 -24.08 -1.23 21.48
CA LYS A 155 -24.11 -0.72 22.85
C LYS A 155 -22.75 -0.43 23.41
N GLN A 156 -21.80 -1.37 23.33
CA GLN A 156 -20.44 -1.16 23.84
C GLN A 156 -19.41 -1.48 22.79
N VAL A 157 -18.23 -0.87 22.90
CA VAL A 157 -17.08 -1.14 22.06
C VAL A 157 -16.05 -1.66 23.07
N LEU A 158 -15.64 -2.94 22.96
CA LEU A 158 -14.78 -3.52 23.99
C LEU A 158 -13.42 -4.07 23.55
N LYS A 159 -12.53 -4.30 24.52
CA LYS A 159 -11.24 -4.94 24.27
C LYS A 159 -11.49 -6.44 24.25
N CYS A 160 -10.68 -7.16 23.48
CA CYS A 160 -10.92 -8.57 23.25
C CYS A 160 -9.63 -9.40 23.17
N ASP A 161 -9.63 -10.60 23.72
CA ASP A 161 -8.52 -11.52 23.62
C ASP A 161 -9.17 -12.87 23.74
N VAL A 162 -9.25 -13.59 22.62
CA VAL A 162 -9.87 -14.91 22.57
C VAL A 162 -9.12 -15.94 23.37
N THR A 163 -7.76 -15.79 23.46
CA THR A 163 -6.85 -16.68 24.18
C THR A 163 -6.91 -16.51 25.71
N GLN A 164 -7.93 -15.84 26.24
CA GLN A 164 -8.08 -15.63 27.67
C GLN A 164 -9.35 -16.30 28.15
N SER A 165 -9.33 -17.00 29.31
CA SER A 165 -10.55 -17.63 29.83
C SER A 165 -11.71 -16.65 29.98
N GLN A 166 -11.39 -15.35 30.13
CA GLN A 166 -12.40 -14.30 30.16
C GLN A 166 -12.15 -13.35 28.97
N PRO A 167 -12.67 -13.69 27.77
CA PRO A 167 -12.45 -12.86 26.57
C PRO A 167 -12.57 -11.33 26.71
N LEU A 168 -13.50 -10.85 27.54
CA LEU A 168 -13.70 -9.41 27.68
C LEU A 168 -13.24 -8.85 29.01
N GLY A 169 -12.26 -9.51 29.65
CA GLY A 169 -11.74 -9.08 30.94
C GLY A 169 -12.81 -8.98 32.00
N ALA A 170 -12.75 -7.91 32.82
CA ALA A 170 -13.73 -7.73 33.89
C ALA A 170 -15.07 -7.17 33.43
N VAL A 171 -15.24 -6.79 32.16
CA VAL A 171 -16.52 -6.24 31.70
C VAL A 171 -17.71 -7.16 31.96
N PRO A 172 -18.57 -6.79 32.93
CA PRO A 172 -19.73 -7.63 33.21
C PRO A 172 -20.81 -7.46 32.17
N LEU A 173 -21.03 -8.50 31.37
CA LEU A 173 -22.09 -8.48 30.37
C LEU A 173 -23.09 -9.61 30.64
N PRO A 174 -24.38 -9.40 30.35
CA PRO A 174 -25.34 -10.52 30.48
C PRO A 174 -24.97 -11.60 29.46
N PRO A 175 -25.35 -12.87 29.73
CA PRO A 175 -25.01 -13.94 28.77
C PRO A 175 -25.67 -13.65 27.41
N ALA A 176 -24.90 -13.80 26.32
CA ALA A 176 -25.43 -13.46 25.01
C ALA A 176 -26.28 -14.58 24.36
N ASP A 177 -27.14 -14.20 23.42
CA ASP A 177 -27.94 -15.19 22.69
C ASP A 177 -27.13 -15.70 21.50
N CYS A 178 -26.19 -14.90 20.97
CA CYS A 178 -25.36 -15.27 19.83
C CYS A 178 -23.95 -14.67 19.92
N VAL A 179 -22.97 -15.35 19.34
CA VAL A 179 -21.60 -14.87 19.29
C VAL A 179 -21.20 -14.96 17.84
N LEU A 180 -20.96 -13.81 17.21
CA LEU A 180 -20.53 -13.76 15.81
C LEU A 180 -18.96 -13.63 15.75
N SER A 181 -18.31 -14.17 14.74
CA SER A 181 -16.86 -14.00 14.55
C SER A 181 -16.47 -14.22 13.11
N THR A 182 -16.35 -13.13 12.36
CA THR A 182 -16.00 -13.20 10.97
C THR A 182 -14.53 -12.90 10.77
N LEU A 183 -13.92 -13.71 9.96
CA LEU A 183 -12.55 -13.63 9.49
C LEU A 183 -11.53 -13.19 10.56
N CYS A 184 -11.65 -13.76 11.80
CA CYS A 184 -10.82 -13.45 12.97
C CYS A 184 -10.12 -14.68 13.64
N LEU A 185 -10.88 -15.76 14.01
CA LEU A 185 -10.26 -16.91 14.70
C LEU A 185 -9.03 -17.48 13.95
N ASP A 186 -9.06 -17.58 12.61
CA ASP A 186 -7.91 -18.06 11.84
C ASP A 186 -6.70 -17.17 12.01
N ALA A 187 -6.91 -15.87 12.14
CA ALA A 187 -5.85 -14.90 12.34
C ALA A 187 -5.35 -14.87 13.79
N ALA A 188 -6.24 -15.15 14.77
CA ALA A 188 -5.96 -15.07 16.20
C ALA A 188 -5.32 -16.29 16.83
N CYS A 189 -5.69 -17.47 16.39
CA CYS A 189 -5.26 -18.75 16.93
C CYS A 189 -4.10 -19.34 16.21
N PRO A 190 -2.95 -19.50 16.89
CA PRO A 190 -1.75 -20.04 16.22
C PRO A 190 -1.72 -21.56 15.98
N ASP A 191 -2.53 -22.33 16.69
CA ASP A 191 -2.57 -23.80 16.51
C ASP A 191 -3.96 -24.37 16.79
N LEU A 192 -4.17 -25.67 16.50
CA LEU A 192 -5.45 -26.30 16.75
C LEU A 192 -5.87 -26.29 18.25
N PRO A 193 -4.98 -26.57 19.23
CA PRO A 193 -5.39 -26.44 20.64
C PRO A 193 -5.83 -25.01 21.01
N THR A 194 -5.15 -23.96 20.46
CA THR A 194 -5.56 -22.58 20.69
C THR A 194 -6.89 -22.28 20.01
N TYR A 195 -7.15 -22.87 18.85
CA TYR A 195 -8.42 -22.69 18.18
C TYR A 195 -9.55 -23.32 19.02
N CYS A 196 -9.27 -24.47 19.64
CA CYS A 196 -10.24 -25.16 20.48
C CYS A 196 -10.49 -24.38 21.77
N ARG A 197 -9.41 -24.02 22.51
CA ARG A 197 -9.52 -23.25 23.76
C ARG A 197 -10.20 -21.92 23.52
N ALA A 198 -9.92 -21.23 22.38
CA ALA A 198 -10.56 -19.96 22.07
C ALA A 198 -12.07 -20.08 21.82
N LEU A 199 -12.56 -21.21 21.28
CA LEU A 199 -14.00 -21.40 21.08
C LEU A 199 -14.64 -21.58 22.46
N ARG A 200 -14.01 -22.39 23.35
CA ARG A 200 -14.50 -22.62 24.70
C ARG A 200 -14.63 -21.31 25.47
N ASN A 201 -13.69 -20.39 25.27
CA ASN A 201 -13.70 -19.07 25.92
C ASN A 201 -14.85 -18.20 25.45
N LEU A 202 -15.20 -18.30 24.18
CA LEU A 202 -16.35 -17.58 23.65
C LEU A 202 -17.63 -18.12 24.29
N GLY A 203 -17.65 -19.43 24.59
CA GLY A 203 -18.74 -20.10 25.30
C GLY A 203 -19.00 -19.50 26.66
N SER A 204 -17.97 -19.00 27.37
CA SER A 204 -18.13 -18.35 28.67
C SER A 204 -19.05 -17.10 28.63
N LEU A 205 -19.28 -16.55 27.43
CA LEU A 205 -20.17 -15.42 27.17
C LEU A 205 -21.57 -15.92 26.79
N LEU A 206 -21.68 -17.13 26.23
CA LEU A 206 -22.95 -17.69 25.77
C LEU A 206 -23.89 -18.26 26.84
N LYS A 207 -25.21 -17.96 26.67
CA LYS A 207 -26.33 -18.54 27.40
C LYS A 207 -26.32 -20.04 27.05
N PRO A 208 -26.90 -20.92 27.89
CA PRO A 208 -26.95 -22.36 27.54
C PRO A 208 -27.79 -22.52 26.28
N GLY A 209 -27.25 -23.23 25.28
CA GLY A 209 -27.94 -23.39 24.00
C GLY A 209 -27.80 -22.19 23.10
N GLY A 210 -26.86 -21.29 23.40
CA GLY A 210 -26.63 -20.08 22.63
C GLY A 210 -25.94 -20.35 21.32
N PHE A 211 -26.18 -19.51 20.29
CA PHE A 211 -25.61 -19.67 18.96
C PHE A 211 -24.13 -19.19 18.78
N LEU A 212 -23.33 -20.01 18.10
CA LEU A 212 -21.95 -19.73 17.69
C LEU A 212 -21.90 -19.54 16.14
N VAL A 213 -21.68 -18.32 15.64
CA VAL A 213 -21.59 -18.09 14.20
C VAL A 213 -20.19 -17.68 13.81
N ILE A 214 -19.55 -18.46 12.91
CA ILE A 214 -18.22 -18.17 12.40
C ILE A 214 -18.23 -18.26 10.88
N MET A 215 -17.43 -17.42 10.24
CA MET A 215 -17.25 -17.41 8.80
C MET A 215 -15.78 -17.07 8.64
N ASP A 216 -14.96 -17.98 8.09
CA ASP A 216 -13.49 -17.75 7.97
C ASP A 216 -12.84 -18.48 6.76
N ALA A 217 -11.58 -18.20 6.47
CA ALA A 217 -10.89 -18.82 5.33
C ALA A 217 -10.49 -20.28 5.58
N LEU A 218 -10.38 -21.05 4.49
CA LEU A 218 -9.98 -22.45 4.50
C LEU A 218 -8.58 -22.61 3.93
N LYS A 219 -7.74 -23.42 4.57
CA LYS A 219 -6.37 -23.74 4.12
C LYS A 219 -5.53 -22.51 3.74
N SER A 220 -5.53 -21.53 4.63
CA SER A 220 -4.81 -20.30 4.40
C SER A 220 -3.72 -20.18 5.42
N SER A 221 -2.48 -20.07 4.99
CA SER A 221 -1.37 -19.86 5.92
C SER A 221 -1.06 -18.37 6.10
N TYR A 222 -1.66 -17.47 5.29
CA TYR A 222 -1.42 -16.03 5.40
C TYR A 222 -2.57 -15.20 4.77
N TYR A 223 -2.58 -13.88 5.05
CA TYR A 223 -3.44 -12.85 4.46
C TYR A 223 -2.64 -11.53 4.45
N MET A 224 -2.79 -10.70 3.39
CA MET A 224 -1.98 -9.50 3.26
C MET A 224 -2.74 -8.23 3.53
N ILE A 225 -2.01 -7.19 3.98
CA ILE A 225 -2.51 -5.83 4.19
C ILE A 225 -1.50 -4.96 3.47
N GLY A 226 -1.63 -4.92 2.15
CA GLY A 226 -0.69 -4.23 1.27
C GLY A 226 0.49 -5.15 1.08
N GLU A 227 1.63 -4.79 1.69
CA GLU A 227 2.79 -5.68 1.65
C GLU A 227 3.10 -6.34 3.00
N GLN A 228 2.15 -6.23 3.97
CA GLN A 228 2.23 -6.74 5.33
C GLN A 228 1.63 -8.16 5.42
N LYS A 229 2.48 -9.20 5.52
CA LYS A 229 2.01 -10.56 5.58
C LYS A 229 1.58 -10.88 6.99
N PHE A 230 0.37 -11.40 7.19
CA PHE A 230 -0.16 -11.76 8.51
C PHE A 230 -0.48 -13.22 8.51
N SER A 231 -0.18 -13.89 9.60
CA SER A 231 -0.44 -15.31 9.74
C SER A 231 -1.90 -15.65 9.86
N SER A 232 -2.24 -16.83 9.34
CA SER A 232 -3.55 -17.47 9.34
C SER A 232 -3.33 -18.96 9.52
N LEU A 233 -4.16 -19.61 10.35
CA LEU A 233 -4.10 -21.05 10.61
C LEU A 233 -4.73 -21.79 9.41
N PRO A 234 -3.95 -22.58 8.67
CA PRO A 234 -4.47 -23.26 7.47
C PRO A 234 -5.38 -24.45 7.77
N LEU A 235 -6.60 -24.17 8.19
CA LEU A 235 -7.54 -25.20 8.58
C LEU A 235 -8.26 -25.83 7.46
N GLY A 236 -8.51 -27.11 7.60
CA GLY A 236 -9.34 -27.83 6.66
C GLY A 236 -10.74 -27.92 7.21
N ARG A 237 -11.72 -28.12 6.32
CA ARG A 237 -13.14 -28.26 6.67
C ARG A 237 -13.37 -29.22 7.86
N GLU A 238 -12.70 -30.37 7.85
CA GLU A 238 -12.85 -31.37 8.89
C GLU A 238 -12.24 -30.90 10.22
N ALA A 239 -11.07 -30.25 10.21
CA ALA A 239 -10.48 -29.71 11.46
C ALA A 239 -11.41 -28.66 12.07
N VAL A 240 -12.08 -27.83 11.26
CA VAL A 240 -13.03 -26.85 11.79
C VAL A 240 -14.20 -27.58 12.47
N GLU A 241 -14.87 -28.51 11.75
CA GLU A 241 -15.95 -29.34 12.26
C GLU A 241 -15.53 -30.03 13.60
N ALA A 242 -14.39 -30.74 13.61
CA ALA A 242 -13.83 -31.43 14.77
C ALA A 242 -13.54 -30.50 15.97
N ALA A 243 -12.84 -29.36 15.73
CA ALA A 243 -12.49 -28.42 16.80
C ALA A 243 -13.75 -27.79 17.40
N VAL A 244 -14.75 -27.47 16.56
CA VAL A 244 -15.99 -26.87 17.03
C VAL A 244 -16.74 -27.83 17.95
N LYS A 245 -17.01 -29.07 17.46
CA LYS A 245 -17.68 -30.12 18.27
C LYS A 245 -16.96 -30.33 19.62
N GLU A 246 -15.60 -30.41 19.61
CA GLU A 246 -14.83 -30.64 20.83
C GLU A 246 -14.76 -29.46 21.79
N ALA A 247 -15.07 -28.24 21.31
CA ALA A 247 -15.09 -27.07 22.19
C ALA A 247 -16.41 -26.92 23.00
N GLY A 248 -17.29 -27.92 22.95
CA GLY A 248 -18.55 -27.92 23.68
C GLY A 248 -19.74 -27.43 22.89
N TYR A 249 -19.73 -27.61 21.55
CA TYR A 249 -20.80 -27.17 20.65
C TYR A 249 -21.31 -28.32 19.80
N THR A 250 -22.47 -28.09 19.16
CA THR A 250 -23.10 -29.02 18.22
C THR A 250 -23.36 -28.20 16.96
N ILE A 251 -22.90 -28.68 15.79
CA ILE A 251 -23.10 -27.94 14.54
C ILE A 251 -24.55 -28.10 14.06
N GLU A 252 -25.17 -27.03 13.57
CA GLU A 252 -26.52 -27.08 13.00
C GLU A 252 -26.42 -26.97 11.49
N TRP A 253 -25.54 -26.10 11.00
CA TRP A 253 -25.39 -25.78 9.58
C TRP A 253 -23.89 -25.56 9.30
N PHE A 254 -23.38 -26.15 8.22
CA PHE A 254 -21.99 -25.98 7.85
C PHE A 254 -21.94 -25.86 6.34
N GLU A 255 -21.43 -24.70 5.87
CA GLU A 255 -21.35 -24.39 4.46
C GLU A 255 -19.91 -24.13 4.07
N VAL A 256 -19.52 -24.52 2.85
CA VAL A 256 -18.18 -24.36 2.31
C VAL A 256 -18.29 -23.90 0.84
N ILE A 257 -17.78 -22.72 0.52
CA ILE A 257 -17.75 -22.23 -0.84
C ILE A 257 -16.32 -22.26 -1.34
N SER A 258 -16.13 -22.55 -2.63
CA SER A 258 -14.81 -22.69 -3.21
C SER A 258 -14.15 -21.37 -3.59
N GLN A 259 -14.90 -20.27 -3.63
CA GLN A 259 -14.36 -18.95 -3.95
C GLN A 259 -13.29 -18.55 -2.95
N SER A 260 -12.18 -18.04 -3.50
CA SER A 260 -11.03 -17.58 -2.75
C SER A 260 -10.77 -16.11 -3.01
N TYR A 261 -9.91 -15.52 -2.16
CA TYR A 261 -9.44 -14.17 -2.31
C TYR A 261 -8.44 -14.15 -3.47
N SER A 262 -8.04 -12.92 -3.87
CA SER A 262 -7.07 -12.75 -4.94
C SER A 262 -5.75 -13.41 -4.57
N SER A 263 -5.01 -13.92 -5.60
CA SER A 263 -3.70 -14.58 -5.45
C SER A 263 -2.77 -13.71 -4.63
N THR A 264 -2.77 -12.40 -4.98
CA THR A 264 -1.93 -11.37 -4.40
C THR A 264 -2.20 -11.10 -2.92
N MET A 265 -3.40 -11.40 -2.37
CA MET A 265 -3.64 -11.10 -0.95
C MET A 265 -3.77 -12.29 -0.03
N ALA A 266 -4.11 -13.47 -0.53
CA ALA A 266 -4.29 -14.65 0.33
C ALA A 266 -4.08 -15.94 -0.44
N ASN A 267 -3.77 -17.03 0.27
CA ASN A 267 -3.64 -18.37 -0.32
C ASN A 267 -4.76 -19.31 0.12
N ASN A 268 -5.91 -18.77 0.55
CA ASN A 268 -7.05 -19.57 0.98
C ASN A 268 -7.66 -20.34 -0.19
N GLU A 269 -8.28 -21.47 0.12
CA GLU A 269 -8.92 -22.32 -0.87
C GLU A 269 -10.37 -22.37 -0.43
N GLY A 270 -11.04 -21.25 -0.57
CA GLY A 270 -12.43 -21.15 -0.19
C GLY A 270 -12.67 -20.67 1.23
N LEU A 271 -13.96 -20.42 1.56
CA LEU A 271 -14.36 -19.96 2.88
C LEU A 271 -15.37 -20.93 3.47
N PHE A 272 -15.50 -20.93 4.80
CA PHE A 272 -16.51 -21.75 5.46
C PHE A 272 -17.41 -20.83 6.30
N SER A 273 -18.59 -21.33 6.67
CA SER A 273 -19.49 -20.59 7.54
C SER A 273 -20.34 -21.59 8.27
N LEU A 274 -20.35 -21.53 9.59
CA LEU A 274 -21.13 -22.46 10.38
C LEU A 274 -22.04 -21.76 11.41
N VAL A 275 -23.06 -22.47 11.86
CA VAL A 275 -23.95 -22.01 12.90
C VAL A 275 -24.01 -23.17 13.90
N ALA A 276 -23.25 -23.05 15.00
CA ALA A 276 -23.20 -24.06 16.05
C ALA A 276 -24.05 -23.63 17.26
N ARG A 277 -24.39 -24.56 18.16
CA ARG A 277 -25.21 -24.28 19.33
C ARG A 277 -24.44 -24.84 20.54
N LYS A 278 -24.28 -24.05 21.60
CA LYS A 278 -23.52 -24.44 22.80
C LYS A 278 -24.25 -25.44 23.63
N LEU A 279 -23.55 -26.49 24.02
CA LEU A 279 -24.13 -27.51 24.91
C LEU A 279 -23.94 -26.99 26.36
N SER B 12 -8.03 11.36 -20.57
CA SER B 12 -7.01 10.43 -21.04
C SER B 12 -5.79 11.15 -21.65
N GLY B 13 -4.88 11.60 -20.79
CA GLY B 13 -3.65 12.28 -21.15
C GLY B 13 -3.72 13.80 -21.00
N LEU B 14 -4.93 14.39 -21.22
CA LEU B 14 -5.16 15.84 -21.17
C LEU B 14 -4.77 16.46 -19.83
N VAL B 15 -5.04 15.70 -18.77
CA VAL B 15 -4.85 16.02 -17.38
C VAL B 15 -4.29 14.73 -16.69
N PRO B 16 -3.36 14.85 -15.71
CA PRO B 16 -2.78 13.64 -15.10
C PRO B 16 -3.79 12.69 -14.44
N ARG B 17 -3.44 11.39 -14.37
CA ARG B 17 -4.28 10.34 -13.81
C ARG B 17 -4.70 10.65 -12.37
N GLY B 18 -5.94 10.29 -12.03
CA GLY B 18 -6.55 10.53 -10.72
C GLY B 18 -6.74 11.99 -10.36
N SER B 19 -6.79 12.90 -11.36
CA SER B 19 -6.89 14.33 -11.04
C SER B 19 -8.06 15.06 -11.61
N MET B 20 -8.96 14.38 -12.34
CA MET B 20 -10.05 15.08 -13.01
C MET B 20 -10.96 15.84 -12.06
N GLU B 21 -11.48 15.18 -11.01
CA GLU B 21 -12.39 15.81 -10.06
C GLU B 21 -11.66 16.81 -9.16
N SER B 22 -10.69 16.34 -8.38
CA SER B 22 -9.89 17.13 -7.41
C SER B 22 -8.95 18.21 -7.98
N GLY B 23 -8.25 17.92 -9.06
CA GLY B 23 -7.29 18.85 -9.64
C GLY B 23 -5.84 18.44 -9.47
N PHE B 24 -5.62 17.30 -8.75
CA PHE B 24 -4.36 16.66 -8.42
C PHE B 24 -4.59 15.17 -8.26
N THR B 25 -3.62 14.34 -8.67
CA THR B 25 -3.65 12.89 -8.56
C THR B 25 -4.01 12.44 -7.13
N SER B 26 -5.07 11.63 -7.01
CA SER B 26 -5.51 11.12 -5.71
C SER B 26 -4.54 10.05 -5.25
N LYS B 27 -4.38 9.89 -3.93
CA LYS B 27 -3.46 8.86 -3.44
C LYS B 27 -3.91 7.45 -3.84
N ASP B 28 -5.24 7.20 -3.96
CA ASP B 28 -5.70 5.87 -4.38
C ASP B 28 -5.44 5.61 -5.92
N THR B 29 -4.64 6.49 -6.57
CA THR B 29 -4.13 6.35 -7.94
C THR B 29 -2.68 5.78 -7.92
N TYR B 30 -1.98 5.98 -6.80
CA TYR B 30 -0.62 5.52 -6.57
C TYR B 30 -0.53 4.06 -6.24
N LEU B 31 -1.63 3.46 -5.75
CA LEU B 31 -1.73 2.03 -5.41
C LEU B 31 -2.04 1.22 -6.69
N SER B 32 -2.88 1.78 -7.58
CA SER B 32 -3.27 1.09 -8.79
C SER B 32 -2.41 1.38 -9.99
N HIS B 33 -2.15 2.66 -10.29
CA HIS B 33 -1.45 3.03 -11.52
C HIS B 33 0.05 3.31 -11.44
N PHE B 34 0.69 3.20 -10.26
CA PHE B 34 2.14 3.42 -10.19
C PHE B 34 2.82 2.09 -10.50
N ASN B 35 3.65 2.00 -11.56
CA ASN B 35 4.35 0.74 -11.88
C ASN B 35 5.82 0.86 -11.47
N PRO B 36 6.31 0.01 -10.52
CA PRO B 36 7.70 0.15 -10.07
C PRO B 36 8.73 -0.17 -11.14
N ARG B 37 8.49 -1.19 -11.95
CA ARG B 37 9.43 -1.56 -12.99
C ARG B 37 9.46 -0.51 -14.09
N ASP B 38 8.35 0.20 -14.37
CA ASP B 38 8.38 1.25 -15.38
C ASP B 38 9.07 2.48 -14.86
N TYR B 39 8.82 2.86 -13.61
CA TYR B 39 9.47 4.01 -12.97
C TYR B 39 11.00 3.74 -12.91
N LEU B 40 11.38 2.51 -12.51
CA LEU B 40 12.75 2.05 -12.41
C LEU B 40 13.44 2.05 -13.76
N GLU B 41 12.82 1.46 -14.79
CA GLU B 41 13.42 1.44 -16.12
C GLU B 41 13.46 2.85 -16.78
N LYS B 42 12.55 3.76 -16.39
CA LYS B 42 12.44 5.12 -16.91
C LYS B 42 13.44 6.14 -16.34
N TYR B 43 13.79 6.02 -15.05
CA TYR B 43 14.64 7.02 -14.40
C TYR B 43 15.91 6.46 -13.77
N TYR B 44 15.89 5.16 -13.44
CA TYR B 44 17.01 4.51 -12.77
C TYR B 44 17.52 3.31 -13.55
N HIS B 50 24.80 9.26 -21.05
CA HIS B 50 24.83 10.51 -20.29
C HIS B 50 23.52 11.28 -20.46
N SER B 51 22.38 10.57 -20.28
CA SER B 51 21.03 11.14 -20.39
C SER B 51 20.74 12.20 -19.33
N ALA B 52 19.66 12.97 -19.49
CA ALA B 52 19.27 13.98 -18.51
C ALA B 52 19.01 13.35 -17.14
N GLU B 53 18.44 12.14 -17.11
CA GLU B 53 18.13 11.35 -15.91
C GLU B 53 19.40 10.85 -15.25
N SER B 54 20.39 10.42 -16.07
CA SER B 54 21.68 9.96 -15.59
C SER B 54 22.42 11.12 -14.92
N GLN B 55 22.40 12.30 -15.54
CA GLN B 55 23.07 13.47 -15.01
C GLN B 55 22.44 13.97 -13.72
N ILE B 56 21.13 13.76 -13.55
CA ILE B 56 20.42 14.22 -12.35
C ILE B 56 20.67 13.29 -11.20
N LEU B 57 20.63 11.98 -11.46
CA LEU B 57 20.93 10.94 -10.50
C LEU B 57 22.42 11.06 -10.08
N LYS B 58 23.34 11.40 -11.03
CA LYS B 58 24.77 11.65 -10.73
C LYS B 58 24.93 12.86 -9.81
N HIS B 59 24.07 13.87 -9.95
CA HIS B 59 24.08 15.04 -9.08
C HIS B 59 23.47 14.72 -7.69
N LEU B 60 22.36 13.96 -7.64
CA LEU B 60 21.72 13.64 -6.37
C LEU B 60 22.67 12.84 -5.48
N LEU B 61 23.30 11.77 -6.04
CA LEU B 61 24.27 10.91 -5.35
C LEU B 61 25.47 11.72 -4.83
N LYS B 62 25.84 12.80 -5.52
CA LYS B 62 26.91 13.65 -5.07
C LYS B 62 26.44 14.57 -3.92
N ASN B 63 25.15 14.95 -3.87
CA ASN B 63 24.64 15.74 -2.74
C ASN B 63 24.59 14.86 -1.54
N LEU B 64 24.05 13.63 -1.67
CA LEU B 64 23.92 12.68 -0.56
C LEU B 64 25.25 12.21 0.00
N PHE B 65 26.26 12.11 -0.87
CA PHE B 65 27.62 11.77 -0.46
C PHE B 65 28.23 12.94 0.31
N LYS B 66 27.93 14.18 -0.07
CA LYS B 66 28.45 15.36 0.65
C LYS B 66 27.71 15.56 1.99
N ILE B 67 26.40 15.37 1.98
CA ILE B 67 25.58 15.51 3.17
C ILE B 67 25.91 14.45 4.24
N PHE B 68 25.97 13.18 3.84
CA PHE B 68 26.22 12.10 4.81
C PHE B 68 27.69 11.67 5.03
N CYS B 69 28.63 11.92 4.10
CA CYS B 69 30.02 11.46 4.29
C CYS B 69 31.04 12.60 4.45
N LEU B 70 30.72 13.81 3.98
CA LEU B 70 31.65 14.94 4.07
C LEU B 70 31.26 15.80 5.30
N ASP B 71 30.01 16.30 5.32
CA ASP B 71 29.42 17.06 6.43
C ASP B 71 29.12 16.18 7.64
N GLY B 72 28.89 14.90 7.41
CA GLY B 72 28.61 13.94 8.46
C GLY B 72 27.33 14.17 9.22
N VAL B 73 26.18 14.04 8.54
CA VAL B 73 24.89 14.08 9.20
C VAL B 73 24.78 12.62 9.66
N LYS B 74 25.10 12.36 10.94
CA LYS B 74 25.16 11.01 11.49
C LYS B 74 24.03 10.71 12.49
N GLY B 75 23.93 9.46 12.93
CA GLY B 75 22.95 9.08 13.94
C GLY B 75 22.68 7.60 13.97
N ASP B 76 21.71 7.19 14.78
CA ASP B 76 21.30 5.79 14.85
C ASP B 76 20.24 5.55 13.80
N LEU B 77 19.20 6.37 13.78
CA LEU B 77 18.10 6.18 12.86
C LEU B 77 17.98 7.25 11.80
N LEU B 78 17.69 6.80 10.56
CA LEU B 78 17.34 7.64 9.43
C LEU B 78 16.04 7.05 8.90
N ILE B 79 14.99 7.87 8.78
CA ILE B 79 13.72 7.42 8.22
C ILE B 79 13.62 8.01 6.81
N ASP B 80 13.38 7.14 5.81
CA ASP B 80 13.20 7.49 4.41
C ASP B 80 11.72 7.60 4.13
N ILE B 81 11.29 8.72 3.53
CA ILE B 81 9.90 9.05 3.26
C ILE B 81 9.58 9.05 1.76
N GLY B 82 8.75 8.10 1.34
CA GLY B 82 8.34 7.95 -0.05
C GLY B 82 9.46 7.43 -0.89
N SER B 83 10.17 6.43 -0.36
CA SER B 83 11.30 5.76 -0.99
C SER B 83 11.00 5.14 -2.35
N GLY B 84 9.73 5.02 -2.73
CA GLY B 84 9.32 4.34 -3.96
C GLY B 84 9.93 2.95 -4.06
N PRO B 85 10.30 2.52 -5.26
CA PRO B 85 11.01 1.25 -5.38
C PRO B 85 12.53 1.47 -5.39
N THR B 86 13.01 2.63 -4.91
CA THR B 86 14.41 2.99 -5.04
C THR B 86 15.23 2.91 -3.76
N ILE B 87 16.52 2.69 -3.94
CA ILE B 87 17.49 2.60 -2.86
C ILE B 87 18.70 3.52 -3.10
N TYR B 88 18.79 4.23 -4.27
CA TYR B 88 19.91 5.12 -4.59
C TYR B 88 20.10 6.16 -3.45
N GLN B 89 18.99 6.66 -2.91
CA GLN B 89 18.97 7.68 -1.87
C GLN B 89 19.44 7.19 -0.51
N LEU B 90 19.86 5.92 -0.38
CA LEU B 90 20.32 5.39 0.92
C LEU B 90 21.77 4.87 0.92
N LEU B 91 22.36 4.69 -0.26
CA LEU B 91 23.72 4.16 -0.41
C LEU B 91 24.75 4.80 0.52
N SER B 92 24.94 6.12 0.46
CA SER B 92 25.93 6.77 1.32
C SER B 92 25.45 6.91 2.75
N ALA B 93 24.15 7.15 2.94
CA ALA B 93 23.53 7.31 4.26
C ALA B 93 23.79 6.14 5.19
N CYS B 94 24.07 4.92 4.64
CA CYS B 94 24.31 3.78 5.51
C CYS B 94 25.67 3.86 6.21
N GLU B 95 26.62 4.60 5.64
CA GLU B 95 27.94 4.80 6.26
C GLU B 95 27.89 5.80 7.46
N SER B 96 26.77 6.51 7.66
CA SER B 96 26.64 7.50 8.74
C SER B 96 25.51 7.21 9.73
N PHE B 97 24.63 6.27 9.41
CA PHE B 97 23.51 5.86 10.23
C PHE B 97 23.60 4.38 10.50
N LYS B 98 23.16 3.93 11.68
CA LYS B 98 23.20 2.50 12.00
C LYS B 98 21.92 1.74 11.61
N GLU B 99 20.82 2.45 11.40
CA GLU B 99 19.52 1.89 11.08
C GLU B 99 18.80 2.81 10.12
N ILE B 100 18.22 2.22 9.07
CA ILE B 100 17.47 2.93 8.03
C ILE B 100 16.08 2.32 7.97
N VAL B 101 15.05 3.14 7.85
CA VAL B 101 13.68 2.65 7.75
C VAL B 101 13.08 3.21 6.48
N VAL B 102 12.75 2.35 5.50
CA VAL B 102 12.19 2.81 4.24
C VAL B 102 10.69 2.78 4.27
N THR B 103 10.08 3.78 3.68
CA THR B 103 8.61 3.86 3.64
C THR B 103 8.07 4.30 2.28
N ASP B 104 6.82 3.96 2.02
CA ASP B 104 6.11 4.37 0.82
C ASP B 104 4.63 4.14 1.01
N TYR B 105 3.81 4.85 0.22
CA TYR B 105 2.36 4.75 0.27
C TYR B 105 1.88 3.57 -0.56
N SER B 106 2.57 3.29 -1.67
CA SER B 106 2.22 2.27 -2.63
C SER B 106 2.77 0.89 -2.24
N ASP B 107 1.88 -0.11 -2.11
CA ASP B 107 2.30 -1.45 -1.70
C ASP B 107 3.34 -2.06 -2.63
N GLN B 108 3.18 -1.91 -3.95
CA GLN B 108 4.09 -2.49 -4.93
C GLN B 108 5.51 -2.01 -4.81
N ASN B 109 5.69 -0.76 -4.36
CA ASN B 109 7.00 -0.18 -4.12
C ASN B 109 7.62 -0.85 -2.89
N LEU B 110 6.80 -1.18 -1.86
CA LEU B 110 7.31 -1.91 -0.69
C LEU B 110 7.72 -3.35 -1.07
N GLN B 111 7.03 -3.96 -2.05
CA GLN B 111 7.35 -5.29 -2.56
C GLN B 111 8.66 -5.21 -3.37
N GLU B 112 8.82 -4.18 -4.23
CA GLU B 112 10.04 -4.04 -5.04
C GLU B 112 11.27 -3.84 -4.13
N LEU B 113 11.10 -3.15 -3.00
CA LEU B 113 12.17 -2.93 -2.03
C LEU B 113 12.48 -4.22 -1.30
N GLU B 114 11.44 -4.96 -0.90
CA GLU B 114 11.65 -6.22 -0.19
C GLU B 114 12.32 -7.28 -1.08
N LYS B 115 12.07 -7.23 -2.40
CA LYS B 115 12.72 -8.13 -3.34
C LYS B 115 14.22 -7.81 -3.35
N TRP B 116 14.57 -6.53 -3.35
CA TRP B 116 15.94 -6.11 -3.34
C TRP B 116 16.63 -6.53 -2.05
N LEU B 117 15.95 -6.37 -0.92
CA LEU B 117 16.42 -6.78 0.40
C LEU B 117 16.81 -8.28 0.46
N LYS B 118 15.99 -9.21 -0.09
CA LYS B 118 16.33 -10.63 -0.08
C LYS B 118 17.37 -11.02 -1.17
N ALA B 119 17.94 -10.05 -1.89
CA ALA B 119 18.82 -10.25 -3.04
C ALA B 119 18.18 -11.18 -4.06
N ALA B 120 16.85 -11.05 -4.26
CA ALA B 120 16.10 -11.89 -5.18
C ALA B 120 16.57 -11.61 -6.58
N PRO B 121 16.86 -12.65 -7.35
CA PRO B 121 17.38 -12.42 -8.71
C PRO B 121 16.45 -11.63 -9.63
N ALA B 122 15.17 -11.60 -9.34
CA ALA B 122 14.18 -10.89 -10.16
C ALA B 122 14.16 -9.38 -9.92
N ALA B 123 14.68 -8.95 -8.76
CA ALA B 123 14.68 -7.54 -8.41
C ALA B 123 15.64 -6.73 -9.26
N PHE B 124 15.36 -5.43 -9.38
CA PHE B 124 16.13 -4.46 -10.15
C PHE B 124 17.59 -4.48 -9.75
N ASP B 125 18.44 -4.27 -10.73
CA ASP B 125 19.88 -4.28 -10.56
C ASP B 125 20.47 -2.91 -10.33
N TRP B 126 20.81 -2.60 -9.09
CA TRP B 126 21.40 -1.31 -8.76
C TRP B 126 22.93 -1.29 -8.91
N SER B 127 23.56 -2.31 -9.55
CA SER B 127 25.02 -2.44 -9.70
C SER B 127 25.72 -1.21 -10.31
N PRO B 128 25.29 -0.68 -11.49
CA PRO B 128 25.97 0.50 -12.02
C PRO B 128 25.87 1.73 -11.12
N VAL B 129 24.80 1.83 -10.30
CA VAL B 129 24.61 2.96 -9.39
C VAL B 129 25.44 2.77 -8.12
N VAL B 130 25.50 1.53 -7.62
CA VAL B 130 26.27 1.16 -6.46
C VAL B 130 27.76 1.45 -6.69
N THR B 131 28.29 1.04 -7.86
CA THR B 131 29.69 1.24 -8.23
C THR B 131 30.04 2.74 -8.24
N TYR B 132 29.17 3.57 -8.81
CA TYR B 132 29.39 5.01 -8.89
C TYR B 132 29.55 5.62 -7.48
N VAL B 133 28.77 5.16 -6.50
CA VAL B 133 28.84 5.66 -5.13
C VAL B 133 30.10 5.17 -4.44
N CYS B 134 30.55 3.94 -4.72
CA CYS B 134 31.78 3.40 -4.15
C CYS B 134 32.96 4.26 -4.64
N ASP B 135 32.97 4.59 -5.95
CA ASP B 135 33.98 5.43 -6.61
C ASP B 135 34.00 6.80 -5.96
N LEU B 136 32.81 7.36 -5.61
CA LEU B 136 32.68 8.68 -4.94
C LEU B 136 33.43 8.66 -3.63
N GLU B 137 33.23 7.59 -2.84
CA GLU B 137 33.84 7.35 -1.55
C GLU B 137 35.33 7.04 -1.59
N GLY B 138 35.91 6.95 -2.78
CA GLY B 138 37.33 6.67 -2.92
C GLY B 138 37.71 5.22 -3.12
N ASN B 139 36.70 4.35 -3.30
CA ASN B 139 36.87 2.92 -3.54
C ASN B 139 37.41 2.14 -2.33
N ARG B 140 36.98 2.52 -1.12
CA ARG B 140 37.35 1.78 0.07
C ARG B 140 36.68 0.38 0.01
N VAL B 141 35.44 0.30 -0.50
CA VAL B 141 34.71 -0.96 -0.66
C VAL B 141 34.24 -1.15 -2.10
N LYS B 142 34.16 -2.40 -2.56
CA LYS B 142 33.66 -2.69 -3.91
C LYS B 142 32.13 -2.77 -3.84
N GLY B 143 31.49 -2.73 -5.01
CA GLY B 143 30.04 -2.80 -5.17
C GLY B 143 29.30 -3.77 -4.27
N PRO B 144 29.56 -5.08 -4.41
CA PRO B 144 28.87 -6.07 -3.57
C PRO B 144 28.99 -5.90 -2.04
N GLU B 145 30.04 -5.24 -1.55
CA GLU B 145 30.21 -5.00 -0.12
C GLU B 145 29.33 -3.85 0.36
N LYS B 146 29.24 -2.79 -0.45
CA LYS B 146 28.41 -1.63 -0.20
C LYS B 146 26.96 -2.03 -0.08
N GLU B 147 26.45 -2.81 -1.08
CA GLU B 147 25.06 -3.27 -1.10
C GLU B 147 24.70 -4.02 0.16
N GLU B 148 25.61 -4.88 0.62
CA GLU B 148 25.44 -5.71 1.79
C GLU B 148 25.39 -4.87 3.07
N LYS B 149 26.20 -3.79 3.15
CA LYS B 149 26.16 -2.87 4.29
C LYS B 149 24.78 -2.15 4.32
N LEU B 150 24.25 -1.80 3.10
CA LEU B 150 22.95 -1.14 2.98
C LEU B 150 21.78 -2.08 3.32
N ARG B 151 21.70 -3.27 2.67
CA ARG B 151 20.68 -4.28 2.94
C ARG B 151 20.63 -4.67 4.41
N GLN B 152 21.75 -4.52 5.15
CA GLN B 152 21.79 -4.84 6.57
C GLN B 152 21.21 -3.69 7.39
N ALA B 153 21.48 -2.46 7.00
CA ALA B 153 21.01 -1.28 7.72
C ALA B 153 19.52 -1.04 7.52
N VAL B 154 18.87 -1.58 6.47
CA VAL B 154 17.43 -1.38 6.30
C VAL B 154 16.70 -2.30 7.26
N LYS B 155 16.46 -1.80 8.46
CA LYS B 155 15.92 -2.56 9.55
C LYS B 155 14.40 -2.80 9.49
N GLN B 156 13.65 -1.94 8.84
CA GLN B 156 12.20 -2.10 8.71
C GLN B 156 11.68 -1.44 7.42
N VAL B 157 10.62 -2.01 6.84
CA VAL B 157 10.01 -1.52 5.61
C VAL B 157 8.54 -1.29 5.97
N LEU B 158 8.06 -0.03 5.91
CA LEU B 158 6.71 0.27 6.40
C LEU B 158 5.82 1.07 5.46
N LYS B 159 4.51 1.12 5.75
CA LYS B 159 3.51 1.89 5.04
C LYS B 159 3.64 3.35 5.48
N CYS B 160 3.40 4.30 4.56
CA CYS B 160 3.60 5.71 4.85
C CYS B 160 2.57 6.61 4.17
N ASP B 161 2.04 7.62 4.86
CA ASP B 161 1.13 8.61 4.29
C ASP B 161 1.53 9.91 4.94
N VAL B 162 2.12 10.83 4.19
CA VAL B 162 2.67 12.07 4.72
C VAL B 162 1.64 13.05 5.22
N THR B 163 0.41 12.99 4.67
CA THR B 163 -0.69 13.89 4.99
C THR B 163 -1.36 13.59 6.33
N GLN B 164 -1.24 12.35 6.82
CA GLN B 164 -1.79 11.90 8.11
C GLN B 164 -0.91 12.35 9.26
N SER B 165 -1.52 12.77 10.40
CA SER B 165 -0.82 13.27 11.60
C SER B 165 0.33 12.37 12.01
N GLN B 166 0.11 11.06 11.94
CA GLN B 166 1.11 10.05 12.24
C GLN B 166 1.51 9.43 10.90
N PRO B 167 2.59 9.91 10.26
CA PRO B 167 2.94 9.39 8.92
C PRO B 167 3.14 7.89 8.83
N LEU B 168 3.65 7.25 9.89
CA LEU B 168 3.86 5.80 9.85
C LEU B 168 2.80 5.01 10.64
N GLY B 169 1.67 5.64 10.95
CA GLY B 169 0.56 5.00 11.65
C GLY B 169 0.82 4.63 13.09
N ALA B 170 0.49 3.38 13.46
CA ALA B 170 0.70 2.92 14.83
C ALA B 170 2.07 2.22 15.05
N VAL B 171 2.99 2.36 14.09
CA VAL B 171 4.29 1.75 14.20
C VAL B 171 5.16 2.57 15.15
N PRO B 172 5.52 1.99 16.30
CA PRO B 172 6.35 2.74 17.26
C PRO B 172 7.83 2.68 16.90
N LEU B 173 8.37 3.80 16.47
CA LEU B 173 9.78 3.92 16.14
C LEU B 173 10.42 4.99 17.07
N PRO B 174 11.71 4.87 17.46
CA PRO B 174 12.31 5.92 18.30
C PRO B 174 12.47 7.25 17.53
N PRO B 175 12.64 8.40 18.23
CA PRO B 175 12.85 9.68 17.52
C PRO B 175 14.05 9.57 16.59
N ALA B 176 13.85 9.83 15.29
CA ALA B 176 14.90 9.67 14.31
C ALA B 176 15.92 10.79 14.31
N ASP B 177 17.14 10.50 13.87
CA ASP B 177 18.22 11.47 13.79
C ASP B 177 18.20 12.29 12.47
N CYS B 178 17.49 11.76 11.45
CA CYS B 178 17.34 12.37 10.12
C CYS B 178 16.11 11.81 9.39
N VAL B 179 15.31 12.70 8.79
CA VAL B 179 14.18 12.30 7.96
C VAL B 179 14.63 12.68 6.57
N LEU B 180 14.79 11.68 5.72
CA LEU B 180 15.23 11.93 4.34
C LEU B 180 14.03 11.69 3.40
N SER B 181 13.76 12.61 2.47
CA SER B 181 12.65 12.44 1.53
C SER B 181 13.06 12.91 0.13
N THR B 182 13.21 11.97 -0.82
CA THR B 182 13.60 12.35 -2.17
C THR B 182 12.47 12.12 -3.13
N LEU B 183 12.23 13.12 -3.94
CA LEU B 183 11.25 13.21 -5.01
C LEU B 183 9.89 12.65 -4.62
N CYS B 184 9.43 12.99 -3.42
CA CYS B 184 8.17 12.52 -2.86
C CYS B 184 7.18 13.62 -2.52
N LEU B 185 7.63 14.65 -1.77
CA LEU B 185 6.70 15.69 -1.33
C LEU B 185 6.00 16.43 -2.49
N ASP B 186 6.72 16.68 -3.59
CA ASP B 186 6.15 17.34 -4.76
C ASP B 186 5.03 16.49 -5.36
N ALA B 187 5.18 15.14 -5.31
CA ALA B 187 4.22 14.19 -5.83
C ALA B 187 3.05 13.94 -4.91
N ALA B 188 3.26 14.03 -3.61
CA ALA B 188 2.21 13.76 -2.62
C ALA B 188 1.35 14.94 -2.24
N CYS B 189 1.92 16.15 -2.13
CA CYS B 189 1.21 17.34 -1.65
C CYS B 189 0.48 18.13 -2.71
N PRO B 190 -0.87 18.15 -2.65
CA PRO B 190 -1.63 18.88 -3.67
C PRO B 190 -1.59 20.40 -3.61
N ASP B 191 -1.24 20.99 -2.46
CA ASP B 191 -1.21 22.47 -2.30
C ASP B 191 -0.10 22.92 -1.31
N LEU B 192 0.02 24.23 -1.03
CA LEU B 192 1.04 24.72 -0.09
C LEU B 192 0.66 24.49 1.38
N PRO B 193 -0.61 24.65 1.82
CA PRO B 193 -0.97 24.23 3.18
C PRO B 193 -0.60 22.76 3.44
N THR B 194 -0.95 21.82 2.51
CA THR B 194 -0.63 20.39 2.67
C THR B 194 0.86 20.12 2.68
N TYR B 195 1.63 20.90 1.94
CA TYR B 195 3.07 20.75 1.88
C TYR B 195 3.67 21.10 3.24
N CYS B 196 3.24 22.20 3.85
CA CYS B 196 3.74 22.60 5.16
C CYS B 196 3.28 21.61 6.23
N ARG B 197 2.00 21.16 6.14
CA ARG B 197 1.46 20.17 7.07
C ARG B 197 2.24 18.85 6.98
N ALA B 198 2.63 18.42 5.76
CA ALA B 198 3.40 17.20 5.58
C ALA B 198 4.78 17.30 6.24
N LEU B 199 5.42 18.48 6.15
CA LEU B 199 6.72 18.72 6.77
C LEU B 199 6.60 18.71 8.29
N ARG B 200 5.46 19.21 8.82
CA ARG B 200 5.18 19.19 10.25
C ARG B 200 4.96 17.76 10.67
N ASN B 201 4.11 17.01 9.94
CA ASN B 201 3.82 15.60 10.24
C ASN B 201 5.09 14.73 10.22
N LEU B 202 6.02 15.01 9.29
CA LEU B 202 7.31 14.33 9.24
C LEU B 202 8.18 14.69 10.44
N GLY B 203 8.01 15.90 10.96
CA GLY B 203 8.69 16.41 12.15
C GLY B 203 8.30 15.65 13.39
N SER B 204 7.09 15.01 13.40
CA SER B 204 6.59 14.19 14.51
C SER B 204 7.47 12.96 14.78
N LEU B 205 8.25 12.53 13.77
CA LEU B 205 9.18 11.40 13.77
C LEU B 205 10.61 11.80 14.16
N LEU B 206 10.90 13.10 14.25
CA LEU B 206 12.24 13.63 14.46
C LEU B 206 12.55 13.99 15.87
N LYS B 207 13.82 13.80 16.27
CA LYS B 207 14.40 14.22 17.56
C LYS B 207 14.51 15.77 17.50
N PRO B 208 14.54 16.46 18.64
CA PRO B 208 14.71 17.93 18.59
C PRO B 208 16.10 18.24 18.04
N GLY B 209 16.17 19.19 17.13
CA GLY B 209 17.42 19.50 16.44
C GLY B 209 17.79 18.42 15.44
N GLY B 210 16.84 17.58 15.06
CA GLY B 210 17.08 16.52 14.10
C GLY B 210 17.06 17.05 12.69
N PHE B 211 17.78 16.37 11.78
CA PHE B 211 17.89 16.79 10.40
C PHE B 211 16.75 16.40 9.47
N LEU B 212 16.41 17.31 8.55
CA LEU B 212 15.44 17.08 7.50
C LEU B 212 16.19 17.23 6.17
N VAL B 213 16.38 16.14 5.41
CA VAL B 213 17.06 16.24 4.10
C VAL B 213 16.04 16.03 2.99
N ILE B 214 15.75 17.09 2.23
CA ILE B 214 14.75 17.04 1.18
C ILE B 214 15.32 17.36 -0.19
N MET B 215 15.14 16.46 -1.17
CA MET B 215 15.60 16.70 -2.53
C MET B 215 14.42 16.48 -3.47
N ASP B 216 13.94 17.53 -4.17
CA ASP B 216 12.81 17.38 -5.07
C ASP B 216 12.88 18.33 -6.32
N ALA B 217 11.91 18.24 -7.25
CA ALA B 217 11.88 19.06 -8.48
C ALA B 217 11.28 20.43 -8.27
N LEU B 218 11.67 21.41 -9.12
CA LEU B 218 11.19 22.79 -9.09
C LEU B 218 10.21 23.04 -10.24
N LYS B 219 9.15 23.86 -10.01
CA LYS B 219 8.14 24.28 -11.02
C LYS B 219 7.65 23.18 -11.98
N SER B 220 7.37 21.99 -11.45
CA SER B 220 6.92 20.87 -12.25
C SER B 220 5.51 20.52 -11.88
N SER B 221 4.57 20.75 -12.78
CA SER B 221 3.16 20.44 -12.57
C SER B 221 2.82 18.96 -12.86
N TYR B 222 3.75 18.20 -13.47
CA TYR B 222 3.55 16.78 -13.73
C TYR B 222 4.88 16.01 -13.92
N TYR B 223 4.80 14.68 -13.94
CA TYR B 223 5.91 13.78 -14.26
C TYR B 223 5.35 12.50 -14.90
N MET B 224 6.10 11.90 -15.85
CA MET B 224 5.60 10.74 -16.57
C MET B 224 6.32 9.47 -16.25
N ILE B 225 5.54 8.44 -15.96
CA ILE B 225 6.03 7.08 -15.77
C ILE B 225 5.46 6.35 -17.00
N GLY B 226 6.25 6.28 -18.06
CA GLY B 226 5.82 5.72 -19.33
C GLY B 226 4.86 6.70 -19.98
N GLU B 227 3.64 6.24 -20.27
CA GLU B 227 2.60 7.12 -20.80
C GLU B 227 1.65 7.63 -19.67
N GLN B 228 1.86 7.18 -18.42
CA GLN B 228 1.05 7.57 -17.28
C GLN B 228 1.58 8.88 -16.66
N LYS B 229 0.77 9.96 -16.73
CA LYS B 229 1.05 11.32 -16.23
C LYS B 229 0.56 11.48 -14.80
N PHE B 230 1.42 11.92 -13.88
CA PHE B 230 1.02 12.12 -12.48
C PHE B 230 1.19 13.57 -12.06
N SER B 231 0.31 14.08 -11.21
CA SER B 231 0.39 15.46 -10.73
C SER B 231 1.64 15.74 -9.88
N SER B 232 1.98 17.00 -9.74
CA SER B 232 3.13 17.45 -8.97
C SER B 232 2.93 18.93 -8.64
N LEU B 233 3.28 19.33 -7.44
CA LEU B 233 3.15 20.72 -7.00
C LEU B 233 4.27 21.52 -7.62
N PRO B 234 3.97 22.53 -8.46
CA PRO B 234 5.05 23.32 -9.07
C PRO B 234 5.52 24.47 -8.17
N LEU B 235 6.45 24.22 -7.23
CA LEU B 235 6.98 25.22 -6.31
C LEU B 235 8.25 25.86 -6.87
N GLY B 236 8.50 27.10 -6.48
CA GLY B 236 9.74 27.77 -6.83
C GLY B 236 10.74 27.63 -5.71
N ARG B 237 11.87 28.34 -5.79
CA ARG B 237 12.87 28.30 -4.73
C ARG B 237 12.27 28.83 -3.38
N GLU B 238 11.53 29.92 -3.49
CA GLU B 238 10.96 30.66 -2.40
C GLU B 238 9.84 29.95 -1.67
N ALA B 239 8.91 29.33 -2.39
CA ALA B 239 7.80 28.61 -1.78
C ALA B 239 8.31 27.44 -0.93
N VAL B 240 9.38 26.76 -1.39
CA VAL B 240 9.99 25.67 -0.64
C VAL B 240 10.63 26.24 0.64
N GLU B 241 11.48 27.28 0.54
CA GLU B 241 12.09 27.91 1.71
C GLU B 241 11.04 28.34 2.75
N ALA B 242 9.98 29.03 2.30
CA ALA B 242 8.88 29.49 3.14
C ALA B 242 8.03 28.36 3.78
N ALA B 243 7.75 27.27 3.05
CA ALA B 243 6.97 26.17 3.61
C ALA B 243 7.77 25.43 4.66
N VAL B 244 9.07 25.20 4.41
CA VAL B 244 9.97 24.52 5.36
C VAL B 244 10.13 25.34 6.67
N LYS B 245 10.42 26.64 6.53
CA LYS B 245 10.53 27.53 7.68
C LYS B 245 9.23 27.53 8.50
N GLU B 246 8.08 27.57 7.84
CA GLU B 246 6.78 27.58 8.52
C GLU B 246 6.52 26.25 9.21
N ALA B 247 6.95 25.14 8.60
CA ALA B 247 6.80 23.81 9.18
C ALA B 247 7.57 23.58 10.51
N GLY B 248 8.40 24.54 10.91
CA GLY B 248 9.12 24.46 12.18
C GLY B 248 10.57 24.09 12.06
N TYR B 249 11.19 24.40 10.90
CA TYR B 249 12.58 24.04 10.63
C TYR B 249 13.44 25.24 10.34
N THR B 250 14.77 25.08 10.51
CA THR B 250 15.77 26.08 10.15
C THR B 250 16.67 25.54 9.02
N ILE B 251 16.70 26.22 7.87
CA ILE B 251 17.48 25.76 6.72
C ILE B 251 18.98 25.98 6.92
N GLU B 252 19.77 24.90 6.90
CA GLU B 252 21.23 24.98 7.08
C GLU B 252 21.92 25.18 5.73
N TRP B 253 21.49 24.39 4.75
CA TRP B 253 22.06 24.35 3.42
C TRP B 253 20.88 24.26 2.44
N PHE B 254 20.95 25.03 1.37
CA PHE B 254 19.90 25.09 0.35
C PHE B 254 20.61 25.27 -1.00
N GLU B 255 20.36 24.34 -1.91
CA GLU B 255 21.02 24.30 -3.21
C GLU B 255 20.02 24.19 -4.32
N VAL B 256 20.33 24.78 -5.49
CA VAL B 256 19.46 24.71 -6.66
C VAL B 256 20.30 24.45 -7.94
N ILE B 257 20.12 23.28 -8.58
CA ILE B 257 20.77 23.01 -9.87
C ILE B 257 19.71 23.26 -10.97
N SER B 258 20.12 23.89 -12.09
CA SER B 258 19.21 24.25 -13.17
C SER B 258 18.90 23.13 -14.16
N GLN B 259 19.49 21.94 -13.98
CA GLN B 259 19.25 20.80 -14.84
C GLN B 259 17.84 20.19 -14.57
N SER B 260 17.08 20.02 -15.66
CA SER B 260 15.74 19.45 -15.65
C SER B 260 15.78 18.06 -16.28
N TYR B 261 14.70 17.30 -16.12
CA TYR B 261 14.59 15.96 -16.69
C TYR B 261 14.32 16.02 -18.22
N SER B 262 14.37 14.84 -18.90
CA SER B 262 14.16 14.81 -20.34
C SER B 262 12.82 15.38 -20.74
N SER B 263 12.83 16.15 -21.83
CA SER B 263 11.68 16.84 -22.42
C SER B 263 10.32 16.10 -22.27
N THR B 264 10.36 14.77 -22.48
CA THR B 264 9.20 13.91 -22.46
C THR B 264 9.01 13.16 -21.13
N MET B 265 9.33 13.81 -20.01
CA MET B 265 9.18 13.22 -18.69
C MET B 265 8.54 14.26 -17.78
N ALA B 266 9.05 15.50 -17.79
CA ALA B 266 8.54 16.55 -16.89
C ALA B 266 8.84 17.97 -17.43
N ASN B 267 8.07 18.95 -16.92
CA ASN B 267 8.23 20.35 -17.23
C ASN B 267 8.94 21.04 -16.07
N ASN B 268 9.88 20.36 -15.40
CA ASN B 268 10.55 20.96 -14.23
C ASN B 268 11.61 21.99 -14.63
N GLU B 269 11.82 22.97 -13.76
CA GLU B 269 12.81 23.99 -13.99
C GLU B 269 13.94 23.88 -13.01
N GLY B 270 14.57 22.71 -13.01
CA GLY B 270 15.66 22.43 -12.11
C GLY B 270 15.26 21.58 -10.91
N LEU B 271 16.23 21.28 -10.02
CA LEU B 271 15.96 20.53 -8.80
C LEU B 271 16.49 21.24 -7.59
N PHE B 272 15.79 21.16 -6.46
CA PHE B 272 16.29 21.76 -5.21
C PHE B 272 16.71 20.67 -4.21
N SER B 273 17.66 21.00 -3.31
CA SER B 273 17.98 20.07 -2.22
C SER B 273 18.42 20.85 -0.99
N LEU B 274 17.95 20.39 0.19
CA LEU B 274 18.23 21.10 1.42
C LEU B 274 18.52 20.21 2.63
N VAL B 275 19.25 20.78 3.59
CA VAL B 275 19.52 20.17 4.87
C VAL B 275 18.94 21.17 5.86
N ALA B 276 17.82 20.83 6.51
CA ALA B 276 17.19 21.70 7.51
C ALA B 276 17.35 21.09 8.93
N ARG B 277 16.86 21.75 10.00
CA ARG B 277 17.02 21.23 11.35
C ARG B 277 15.76 21.59 12.15
N LYS B 278 15.04 20.57 12.69
CA LYS B 278 13.80 20.75 13.44
C LYS B 278 13.99 21.57 14.68
N LEU B 279 13.08 22.53 14.90
CA LEU B 279 13.14 23.40 16.05
C LEU B 279 12.28 22.84 17.19
N GLY C 23 -23.78 3.20 -16.04
CA GLY C 23 -22.52 3.55 -16.67
C GLY C 23 -22.67 4.68 -17.67
N PHE C 24 -23.08 5.86 -17.17
CA PHE C 24 -23.35 7.11 -17.88
C PHE C 24 -24.64 7.04 -18.69
N THR C 25 -25.35 8.18 -18.75
CA THR C 25 -26.63 8.33 -19.44
C THR C 25 -26.49 8.45 -20.94
N SER C 26 -27.10 7.52 -21.66
CA SER C 26 -27.13 7.48 -23.12
C SER C 26 -27.93 8.67 -23.65
N LYS C 27 -27.54 9.25 -24.80
CA LYS C 27 -28.28 10.38 -25.37
C LYS C 27 -29.72 9.98 -25.75
N ASP C 28 -29.95 8.68 -26.01
CA ASP C 28 -31.25 8.07 -26.29
C ASP C 28 -32.25 8.34 -25.13
N THR C 29 -31.75 8.30 -23.90
CA THR C 29 -32.48 8.55 -22.65
C THR C 29 -32.99 10.01 -22.54
N TYR C 30 -32.39 10.94 -23.28
CA TYR C 30 -32.85 12.34 -23.30
C TYR C 30 -34.11 12.51 -24.14
N LEU C 31 -34.23 11.74 -25.21
CA LEU C 31 -35.41 11.77 -26.07
C LEU C 31 -36.60 11.02 -25.40
N SER C 32 -36.37 10.25 -24.31
CA SER C 32 -37.43 9.49 -23.67
C SER C 32 -37.75 9.85 -22.21
N HIS C 33 -36.73 9.96 -21.36
CA HIS C 33 -36.92 10.21 -19.93
C HIS C 33 -36.90 11.67 -19.53
N PHE C 34 -36.51 12.59 -20.43
CA PHE C 34 -36.42 14.00 -20.08
C PHE C 34 -37.71 14.74 -20.40
N ASN C 35 -38.36 15.29 -19.36
CA ASN C 35 -39.59 16.03 -19.53
C ASN C 35 -39.24 17.49 -19.44
N PRO C 36 -39.33 18.23 -20.56
CA PRO C 36 -38.98 19.65 -20.52
C PRO C 36 -39.83 20.51 -19.59
N ARG C 37 -41.10 20.14 -19.38
CA ARG C 37 -42.02 20.85 -18.48
C ARG C 37 -41.58 20.64 -17.01
N ASP C 38 -41.25 19.39 -16.64
CA ASP C 38 -40.74 19.01 -15.31
C ASP C 38 -39.35 19.60 -15.09
N TYR C 39 -38.56 19.80 -16.16
CA TYR C 39 -37.25 20.40 -16.07
C TYR C 39 -37.40 21.90 -15.67
N LEU C 40 -38.16 22.70 -16.48
CA LEU C 40 -38.42 24.12 -16.24
C LEU C 40 -38.98 24.41 -14.85
N GLU C 41 -39.88 23.55 -14.35
CA GLU C 41 -40.48 23.75 -13.03
C GLU C 41 -39.50 23.43 -11.89
N LYS C 42 -38.55 22.52 -12.12
CA LYS C 42 -37.61 22.13 -11.08
C LYS C 42 -36.46 23.12 -10.84
N TYR C 43 -36.07 23.89 -11.87
CA TYR C 43 -34.91 24.76 -11.75
C TYR C 43 -35.12 26.19 -12.16
N TYR C 44 -36.23 26.51 -12.84
CA TYR C 44 -36.38 27.85 -13.38
C TYR C 44 -37.62 28.58 -12.93
N LYS C 45 -37.67 28.95 -11.64
CA LYS C 45 -38.80 29.71 -11.07
C LYS C 45 -38.29 30.95 -10.31
N SER C 51 -34.55 29.33 -2.78
CA SER C 51 -34.00 28.03 -3.16
C SER C 51 -32.61 28.15 -3.76
N ALA C 52 -31.79 27.09 -3.67
CA ALA C 52 -30.46 27.12 -4.27
C ALA C 52 -30.53 27.29 -5.78
N GLU C 53 -31.60 26.78 -6.40
CA GLU C 53 -31.88 26.88 -7.83
C GLU C 53 -32.11 28.35 -8.20
N SER C 54 -32.95 29.05 -7.40
CA SER C 54 -33.31 30.47 -7.55
C SER C 54 -32.10 31.38 -7.42
N GLN C 55 -31.12 31.00 -6.58
CA GLN C 55 -29.88 31.78 -6.39
C GLN C 55 -28.91 31.60 -7.53
N ILE C 56 -28.74 30.34 -8.00
CA ILE C 56 -27.86 30.02 -9.12
C ILE C 56 -28.34 30.73 -10.39
N LEU C 57 -29.63 30.59 -10.73
CA LEU C 57 -30.19 31.29 -11.89
C LEU C 57 -29.88 32.84 -11.88
N LYS C 58 -29.86 33.46 -10.68
CA LYS C 58 -29.52 34.87 -10.49
C LYS C 58 -28.07 35.13 -10.91
N HIS C 59 -27.10 34.33 -10.42
CA HIS C 59 -25.69 34.53 -10.80
C HIS C 59 -25.45 34.22 -12.27
N LEU C 60 -26.20 33.24 -12.85
CA LEU C 60 -26.05 32.96 -14.28
C LEU C 60 -26.52 34.21 -15.06
N LEU C 61 -27.70 34.75 -14.73
CA LEU C 61 -28.21 35.93 -15.40
C LEU C 61 -27.29 37.14 -15.23
N LYS C 62 -26.72 37.36 -14.02
CA LYS C 62 -25.82 38.49 -13.80
C LYS C 62 -24.50 38.32 -14.60
N ASN C 63 -24.00 37.07 -14.74
CA ASN C 63 -22.80 36.84 -15.55
C ASN C 63 -23.11 37.06 -17.02
N LEU C 64 -24.30 36.64 -17.48
CA LEU C 64 -24.71 36.82 -18.88
C LEU C 64 -24.90 38.29 -19.22
N PHE C 65 -25.37 39.08 -18.24
CA PHE C 65 -25.53 40.52 -18.40
C PHE C 65 -24.14 41.16 -18.65
N LYS C 66 -23.18 40.85 -17.76
CA LYS C 66 -21.80 41.30 -17.74
C LYS C 66 -21.12 40.99 -19.08
N ILE C 67 -21.14 39.71 -19.52
CA ILE C 67 -20.49 39.25 -20.75
C ILE C 67 -21.04 39.92 -22.01
N PHE C 68 -22.37 39.87 -22.25
CA PHE C 68 -22.92 40.42 -23.48
C PHE C 68 -23.09 41.93 -23.47
N CYS C 69 -23.68 42.51 -22.41
CA CYS C 69 -23.92 43.95 -22.38
C CYS C 69 -22.71 44.77 -21.92
N LEU C 70 -22.10 44.38 -20.79
CA LEU C 70 -20.98 45.15 -20.24
C LEU C 70 -19.69 45.00 -21.01
N ASP C 71 -19.51 43.88 -21.72
CA ASP C 71 -18.29 43.58 -22.48
C ASP C 71 -18.52 43.52 -24.01
N GLY C 72 -17.43 43.47 -24.77
CA GLY C 72 -17.47 43.43 -26.23
C GLY C 72 -17.77 42.08 -26.89
N VAL C 73 -18.71 41.30 -26.32
CA VAL C 73 -19.11 40.02 -26.90
C VAL C 73 -20.40 40.31 -27.67
N LYS C 74 -20.21 40.81 -28.88
CA LYS C 74 -21.22 41.19 -29.85
C LYS C 74 -20.87 40.56 -31.21
N GLY C 75 -21.81 40.60 -32.14
CA GLY C 75 -21.57 40.03 -33.46
C GLY C 75 -22.83 39.90 -34.27
N ASP C 76 -22.77 39.05 -35.30
CA ASP C 76 -23.89 38.85 -36.20
C ASP C 76 -24.66 37.58 -35.92
N LEU C 77 -23.96 36.53 -35.46
CA LEU C 77 -24.59 35.26 -35.20
C LEU C 77 -24.08 34.67 -33.92
N LEU C 78 -25.01 34.15 -33.11
CA LEU C 78 -24.75 33.41 -31.89
C LEU C 78 -25.46 32.08 -32.04
N ILE C 79 -24.76 30.98 -31.75
CA ILE C 79 -25.38 29.65 -31.76
C ILE C 79 -25.43 29.21 -30.30
N ASP C 80 -26.59 28.79 -29.83
CA ASP C 80 -26.74 28.32 -28.46
C ASP C 80 -26.82 26.79 -28.47
N ILE C 81 -25.81 26.14 -27.86
CA ILE C 81 -25.64 24.68 -27.82
C ILE C 81 -26.33 23.98 -26.66
N GLY C 82 -27.34 23.18 -26.97
CA GLY C 82 -28.09 22.44 -25.95
C GLY C 82 -28.89 23.39 -25.08
N SER C 83 -29.88 24.05 -25.69
CA SER C 83 -30.72 25.06 -25.06
C SER C 83 -31.81 24.45 -24.20
N GLY C 84 -32.34 23.31 -24.63
CA GLY C 84 -33.43 22.62 -23.96
C GLY C 84 -34.70 23.42 -24.08
N PRO C 85 -35.45 23.48 -22.98
CA PRO C 85 -36.69 24.27 -22.98
C PRO C 85 -36.52 25.69 -22.48
N THR C 86 -35.26 26.12 -22.17
CA THR C 86 -34.96 27.44 -21.62
C THR C 86 -34.58 28.46 -22.67
N ILE C 87 -34.78 29.74 -22.32
CA ILE C 87 -34.48 30.97 -23.07
C ILE C 87 -33.71 31.97 -22.15
N TYR C 88 -33.57 31.71 -20.82
CA TYR C 88 -32.93 32.64 -19.88
C TYR C 88 -31.53 33.06 -20.35
N GLN C 89 -30.80 32.12 -20.98
CA GLN C 89 -29.43 32.38 -21.41
C GLN C 89 -29.30 33.22 -22.65
N LEU C 90 -30.44 33.56 -23.30
CA LEU C 90 -30.45 34.37 -24.52
C LEU C 90 -31.09 35.73 -24.34
N LEU C 91 -31.69 36.03 -23.16
CA LEU C 91 -32.33 37.31 -22.86
C LEU C 91 -31.34 38.48 -22.96
N SER C 92 -30.15 38.32 -22.38
CA SER C 92 -29.15 39.39 -22.44
C SER C 92 -28.40 39.36 -23.77
N ALA C 93 -28.15 38.16 -24.32
CA ALA C 93 -27.48 37.96 -25.59
C ALA C 93 -28.26 38.54 -26.77
N CYS C 94 -29.61 38.57 -26.71
CA CYS C 94 -30.42 39.12 -27.82
C CYS C 94 -30.21 40.63 -28.04
N GLU C 95 -29.55 41.32 -27.09
CA GLU C 95 -29.22 42.73 -27.17
C GLU C 95 -27.95 42.95 -28.00
N SER C 96 -26.99 42.02 -27.90
CA SER C 96 -25.71 42.11 -28.57
C SER C 96 -25.64 41.38 -29.90
N PHE C 97 -26.44 40.32 -30.09
CA PHE C 97 -26.39 39.54 -31.34
C PHE C 97 -27.57 39.82 -32.27
N LYS C 98 -27.31 40.00 -33.59
CA LYS C 98 -28.42 40.29 -34.51
C LYS C 98 -29.19 39.02 -34.87
N GLU C 99 -28.53 37.85 -34.85
CA GLU C 99 -29.22 36.60 -35.13
C GLU C 99 -28.76 35.54 -34.16
N ILE C 100 -29.72 34.73 -33.68
CA ILE C 100 -29.46 33.66 -32.73
C ILE C 100 -30.06 32.34 -33.24
N VAL C 101 -29.30 31.24 -33.13
CA VAL C 101 -29.80 29.93 -33.49
C VAL C 101 -29.87 29.06 -32.23
N VAL C 102 -31.03 28.40 -31.97
CA VAL C 102 -31.21 27.57 -30.78
C VAL C 102 -31.17 26.09 -31.17
N THR C 103 -30.31 25.32 -30.49
CA THR C 103 -30.10 23.92 -30.82
C THR C 103 -30.22 23.00 -29.60
N ASP C 104 -30.43 21.71 -29.84
CA ASP C 104 -30.54 20.71 -28.78
C ASP C 104 -30.64 19.31 -29.40
N TYR C 105 -30.33 18.27 -28.62
CA TYR C 105 -30.49 16.92 -29.12
C TYR C 105 -31.96 16.51 -29.07
N SER C 106 -32.55 16.50 -27.87
CA SER C 106 -33.95 16.11 -27.70
C SER C 106 -34.89 17.02 -28.48
N ASP C 107 -35.61 16.42 -29.41
CA ASP C 107 -36.57 17.13 -30.26
C ASP C 107 -37.73 17.66 -29.44
N GLN C 108 -38.17 16.90 -28.44
CA GLN C 108 -39.27 17.29 -27.56
C GLN C 108 -38.90 18.56 -26.70
N ASN C 109 -37.61 18.84 -26.52
CA ASN C 109 -37.15 20.00 -25.77
C ASN C 109 -37.30 21.24 -26.66
N LEU C 110 -36.85 21.16 -27.92
CA LEU C 110 -36.99 22.25 -28.89
C LEU C 110 -38.47 22.64 -29.08
N GLN C 111 -39.38 21.66 -28.96
CA GLN C 111 -40.82 21.83 -29.05
C GLN C 111 -41.28 22.83 -27.96
N GLU C 112 -40.88 22.58 -26.68
CA GLU C 112 -41.22 23.40 -25.52
C GLU C 112 -40.62 24.81 -25.60
N LEU C 113 -39.48 24.95 -26.25
CA LEU C 113 -38.83 26.24 -26.46
C LEU C 113 -39.72 27.02 -27.46
N GLU C 114 -40.11 26.36 -28.58
CA GLU C 114 -40.97 26.93 -29.59
C GLU C 114 -42.36 27.33 -29.07
N LYS C 115 -42.76 26.84 -27.89
CA LYS C 115 -44.03 27.22 -27.28
C LYS C 115 -43.90 28.65 -26.77
N TRP C 116 -42.75 28.98 -26.11
CA TRP C 116 -42.51 30.33 -25.64
C TRP C 116 -42.16 31.24 -26.80
N LEU C 117 -41.33 30.74 -27.73
CA LEU C 117 -40.87 31.45 -28.91
C LEU C 117 -42.08 31.96 -29.72
N LYS C 118 -43.10 31.10 -29.92
CA LYS C 118 -44.29 31.44 -30.69
C LYS C 118 -45.42 32.08 -29.86
N ALA C 119 -45.18 32.37 -28.57
CA ALA C 119 -46.16 32.90 -27.61
C ALA C 119 -47.40 32.01 -27.46
N ALA C 120 -47.30 30.72 -27.83
CA ALA C 120 -48.39 29.76 -27.74
C ALA C 120 -48.90 29.66 -26.30
N PRO C 121 -50.14 29.18 -26.11
CA PRO C 121 -50.70 29.16 -24.75
C PRO C 121 -49.86 28.36 -23.75
N ALA C 122 -49.45 27.15 -24.14
CA ALA C 122 -48.67 26.21 -23.31
C ALA C 122 -47.23 26.63 -22.97
N ALA C 123 -46.87 27.91 -23.20
CA ALA C 123 -45.54 28.45 -22.94
C ALA C 123 -45.24 28.55 -21.45
N PHE C 124 -43.96 28.44 -21.10
CA PHE C 124 -43.53 28.52 -19.71
C PHE C 124 -43.51 29.97 -19.26
N ASP C 125 -43.77 30.21 -17.96
CA ASP C 125 -43.82 31.57 -17.42
C ASP C 125 -42.43 32.10 -17.03
N TRP C 126 -41.78 32.75 -17.99
CA TRP C 126 -40.49 33.38 -17.75
C TRP C 126 -40.64 34.85 -17.34
N SER C 127 -41.84 35.33 -17.01
CA SER C 127 -42.01 36.74 -16.62
C SER C 127 -41.08 37.17 -15.46
N PRO C 128 -41.00 36.43 -14.32
CA PRO C 128 -40.11 36.88 -13.24
C PRO C 128 -38.63 36.90 -13.65
N VAL C 129 -38.23 36.02 -14.60
CA VAL C 129 -36.87 35.95 -15.09
C VAL C 129 -36.61 37.10 -16.05
N VAL C 130 -37.53 37.32 -17.00
CA VAL C 130 -37.49 38.43 -17.96
C VAL C 130 -37.47 39.78 -17.20
N THR C 131 -38.17 39.85 -16.06
CA THR C 131 -38.25 41.04 -15.22
C THR C 131 -36.94 41.30 -14.47
N TYR C 132 -36.20 40.23 -14.09
CA TYR C 132 -34.92 40.33 -13.40
C TYR C 132 -33.85 40.91 -14.31
N VAL C 133 -33.75 40.42 -15.55
CA VAL C 133 -32.80 40.92 -16.56
C VAL C 133 -33.12 42.38 -16.84
N CYS C 134 -34.41 42.71 -17.01
CA CYS C 134 -34.82 44.09 -17.27
C CYS C 134 -34.34 45.06 -16.18
N ASP C 135 -34.21 44.61 -14.93
CA ASP C 135 -33.69 45.46 -13.87
C ASP C 135 -32.17 45.66 -14.03
N LEU C 136 -31.42 44.55 -14.29
CA LEU C 136 -29.98 44.58 -14.51
C LEU C 136 -29.64 45.50 -15.69
N GLU C 137 -30.45 45.45 -16.75
CA GLU C 137 -30.22 46.26 -17.93
C GLU C 137 -30.68 47.71 -17.82
N GLY C 138 -30.76 48.23 -16.59
CA GLY C 138 -31.12 49.61 -16.33
C GLY C 138 -32.56 49.99 -16.58
N ASN C 139 -33.46 49.00 -16.70
CA ASN C 139 -34.90 49.18 -16.94
C ASN C 139 -35.21 50.00 -18.18
N ARG C 140 -34.34 49.94 -19.19
CA ARG C 140 -34.57 50.68 -20.43
C ARG C 140 -35.73 50.14 -21.27
N VAL C 141 -36.12 48.87 -21.05
CA VAL C 141 -37.28 48.24 -21.70
C VAL C 141 -38.20 47.59 -20.65
N LYS C 142 -39.47 47.39 -21.01
CA LYS C 142 -40.40 46.67 -20.12
C LYS C 142 -40.45 45.19 -20.53
N GLY C 143 -41.08 44.36 -19.72
CA GLY C 143 -41.21 42.93 -19.94
C GLY C 143 -41.52 42.50 -21.36
N PRO C 144 -42.67 42.94 -21.90
CA PRO C 144 -43.06 42.53 -23.27
C PRO C 144 -42.10 42.95 -24.38
N GLU C 145 -41.40 44.09 -24.20
CA GLU C 145 -40.43 44.59 -25.16
C GLU C 145 -39.21 43.67 -25.23
N LYS C 146 -38.75 43.19 -24.08
CA LYS C 146 -37.60 42.30 -23.98
C LYS C 146 -37.89 40.97 -24.69
N GLU C 147 -39.09 40.43 -24.46
CA GLU C 147 -39.51 39.16 -25.04
C GLU C 147 -39.56 39.22 -26.57
N GLU C 148 -40.07 40.33 -27.12
CA GLU C 148 -40.14 40.45 -28.57
C GLU C 148 -38.76 40.59 -29.21
N LYS C 149 -37.80 41.25 -28.54
CA LYS C 149 -36.45 41.34 -29.07
C LYS C 149 -35.82 39.92 -29.20
N LEU C 150 -36.11 39.03 -28.24
CA LEU C 150 -35.61 37.68 -28.23
C LEU C 150 -36.20 36.86 -29.37
N ARG C 151 -37.53 36.90 -29.55
CA ARG C 151 -38.19 36.13 -30.60
C ARG C 151 -37.80 36.64 -32.01
N GLN C 152 -37.49 37.93 -32.12
CA GLN C 152 -37.03 38.50 -33.37
C GLN C 152 -35.63 37.99 -33.71
N ALA C 153 -34.75 37.85 -32.69
CA ALA C 153 -33.40 37.34 -32.84
C ALA C 153 -33.31 35.83 -33.22
N VAL C 154 -34.14 34.97 -32.63
CA VAL C 154 -34.09 33.53 -32.88
C VAL C 154 -34.54 33.19 -34.31
N LYS C 155 -33.56 32.88 -35.19
CA LYS C 155 -33.77 32.60 -36.62
C LYS C 155 -33.98 31.13 -36.98
N GLN C 156 -33.30 30.21 -36.29
CA GLN C 156 -33.41 28.79 -36.60
C GLN C 156 -33.46 27.96 -35.33
N VAL C 157 -34.17 26.81 -35.40
CA VAL C 157 -34.31 25.84 -34.32
C VAL C 157 -33.82 24.51 -34.92
N LEU C 158 -32.61 24.06 -34.56
CA LEU C 158 -32.00 22.88 -35.18
C LEU C 158 -31.68 21.71 -34.25
N LYS C 159 -31.67 20.48 -34.79
CA LYS C 159 -31.23 19.32 -34.01
C LYS C 159 -29.71 19.46 -33.82
N CYS C 160 -29.18 18.87 -32.76
CA CYS C 160 -27.80 19.03 -32.41
C CYS C 160 -27.22 17.82 -31.70
N ASP C 161 -25.91 17.62 -31.83
CA ASP C 161 -25.24 16.55 -31.10
C ASP C 161 -23.81 16.96 -30.94
N VAL C 162 -23.45 17.51 -29.77
CA VAL C 162 -22.12 18.01 -29.44
C VAL C 162 -21.01 16.99 -29.69
N THR C 163 -21.34 15.67 -29.68
CA THR C 163 -20.36 14.61 -29.87
C THR C 163 -20.01 14.37 -31.34
N GLN C 164 -20.80 14.89 -32.27
CA GLN C 164 -20.58 14.67 -33.70
C GLN C 164 -19.64 15.68 -34.38
N SER C 165 -18.83 15.20 -35.37
CA SER C 165 -17.89 16.01 -36.18
C SER C 165 -18.53 17.34 -36.61
N GLN C 166 -19.73 17.28 -37.23
CA GLN C 166 -20.54 18.43 -37.59
C GLN C 166 -21.73 18.46 -36.62
N PRO C 167 -21.66 19.26 -35.53
CA PRO C 167 -22.73 19.22 -34.51
C PRO C 167 -24.15 19.50 -34.95
N LEU C 168 -24.36 20.13 -36.11
CA LEU C 168 -25.70 20.41 -36.60
C LEU C 168 -26.08 19.64 -37.87
N GLY C 169 -25.29 18.61 -38.22
CA GLY C 169 -25.52 17.76 -39.37
C GLY C 169 -25.37 18.48 -40.68
N ALA C 170 -24.29 19.24 -40.82
CA ALA C 170 -24.00 20.02 -42.02
C ALA C 170 -25.19 20.88 -42.53
N VAL C 171 -25.98 21.48 -41.61
CA VAL C 171 -27.06 22.37 -42.01
C VAL C 171 -26.33 23.67 -42.31
N PRO C 172 -26.50 24.21 -43.52
CA PRO C 172 -25.79 25.45 -43.89
C PRO C 172 -25.94 26.58 -42.90
N LEU C 173 -24.79 27.11 -42.49
CA LEU C 173 -24.70 28.23 -41.58
C LEU C 173 -23.36 28.89 -41.79
N PRO C 174 -23.34 30.23 -41.88
CA PRO C 174 -22.05 30.93 -41.90
C PRO C 174 -21.39 30.79 -40.52
N PRO C 175 -20.05 31.02 -40.44
CA PRO C 175 -19.39 30.93 -39.15
C PRO C 175 -20.00 31.90 -38.14
N ALA C 176 -20.29 31.41 -36.96
CA ALA C 176 -20.89 32.21 -35.92
C ALA C 176 -19.83 33.05 -35.20
N ASP C 177 -20.25 34.21 -34.70
CA ASP C 177 -19.36 35.11 -33.97
C ASP C 177 -19.11 34.64 -32.51
N CYS C 178 -20.07 33.87 -31.96
CA CYS C 178 -20.03 33.32 -30.62
C CYS C 178 -20.85 32.03 -30.53
N VAL C 179 -20.40 31.10 -29.67
CA VAL C 179 -21.05 29.82 -29.40
C VAL C 179 -21.27 29.75 -27.88
N LEU C 180 -22.53 29.68 -27.45
CA LEU C 180 -22.90 29.65 -26.04
C LEU C 180 -23.36 28.24 -25.66
N SER C 181 -23.05 27.75 -24.46
CA SER C 181 -23.54 26.42 -24.05
C SER C 181 -23.70 26.36 -22.54
N THR C 182 -24.95 26.46 -22.05
CA THR C 182 -25.16 26.46 -20.61
C THR C 182 -25.70 25.13 -20.12
N LEU C 183 -24.95 24.51 -19.20
CA LEU C 183 -25.32 23.29 -18.49
C LEU C 183 -25.72 22.14 -19.40
N CYS C 184 -25.06 22.03 -20.54
CA CYS C 184 -25.29 20.97 -21.51
C CYS C 184 -24.05 20.06 -21.58
N LEU C 185 -22.85 20.66 -21.64
CA LEU C 185 -21.61 19.92 -21.81
C LEU C 185 -21.31 18.87 -20.73
N ASP C 186 -21.56 19.16 -19.46
CA ASP C 186 -21.28 18.18 -18.40
C ASP C 186 -22.19 16.96 -18.53
N ALA C 187 -23.44 17.18 -18.94
CA ALA C 187 -24.47 16.19 -19.12
C ALA C 187 -24.19 15.31 -20.35
N ALA C 188 -23.76 15.91 -21.44
CA ALA C 188 -23.58 15.22 -22.70
C ALA C 188 -22.33 14.36 -22.83
N CYS C 189 -21.26 14.71 -22.10
CA CYS C 189 -19.93 14.09 -22.25
C CYS C 189 -19.57 13.10 -21.17
N PRO C 190 -19.46 11.80 -21.54
CA PRO C 190 -19.16 10.77 -20.53
C PRO C 190 -17.76 10.75 -19.91
N ASP C 191 -16.76 11.37 -20.55
CA ASP C 191 -15.38 11.38 -20.02
C ASP C 191 -14.62 12.72 -20.34
N LEU C 192 -13.33 12.88 -19.96
CA LEU C 192 -12.60 14.12 -20.33
C LEU C 192 -12.32 14.21 -21.86
N PRO C 193 -11.88 13.12 -22.56
CA PRO C 193 -11.66 13.24 -24.01
C PRO C 193 -12.92 13.58 -24.79
N THR C 194 -14.10 13.08 -24.37
CA THR C 194 -15.35 13.41 -25.05
C THR C 194 -15.67 14.90 -24.87
N TYR C 195 -15.38 15.47 -23.68
CA TYR C 195 -15.56 16.88 -23.39
C TYR C 195 -14.70 17.71 -24.35
N CYS C 196 -13.44 17.27 -24.55
CA CYS C 196 -12.46 17.91 -25.42
C CYS C 196 -12.88 17.82 -26.87
N ARG C 197 -13.32 16.64 -27.30
CA ARG C 197 -13.80 16.42 -28.66
C ARG C 197 -14.99 17.30 -28.98
N ALA C 198 -15.97 17.40 -28.06
CA ALA C 198 -17.17 18.23 -28.17
C ALA C 198 -16.84 19.73 -28.38
N LEU C 199 -15.95 20.29 -27.52
CA LEU C 199 -15.47 21.69 -27.59
C LEU C 199 -14.84 21.96 -28.97
N ARG C 200 -14.09 20.95 -29.47
CA ARG C 200 -13.43 20.98 -30.76
C ARG C 200 -14.44 21.06 -31.93
N ASN C 201 -15.57 20.34 -31.79
CA ASN C 201 -16.66 20.29 -32.76
C ASN C 201 -17.41 21.59 -32.80
N LEU C 202 -17.56 22.25 -31.64
CA LEU C 202 -18.22 23.56 -31.59
C LEU C 202 -17.39 24.59 -32.35
N GLY C 203 -16.06 24.50 -32.28
CA GLY C 203 -15.14 25.37 -33.00
C GLY C 203 -15.34 25.38 -34.50
N SER C 204 -15.83 24.25 -35.09
CA SER C 204 -16.10 24.23 -36.53
C SER C 204 -17.25 25.22 -36.89
N LEU C 205 -18.17 25.49 -35.94
CA LEU C 205 -19.24 26.48 -36.10
C LEU C 205 -18.70 27.92 -35.88
N LEU C 206 -17.50 28.08 -35.33
CA LEU C 206 -16.95 29.39 -34.98
C LEU C 206 -16.02 30.04 -35.97
N LYS C 207 -16.21 31.36 -36.17
CA LYS C 207 -15.33 32.27 -36.91
C LYS C 207 -13.97 32.23 -36.17
N PRO C 208 -12.81 32.33 -36.87
CA PRO C 208 -11.53 32.32 -36.14
C PRO C 208 -11.44 33.60 -35.32
N GLY C 209 -11.26 33.48 -34.02
CA GLY C 209 -11.27 34.64 -33.13
C GLY C 209 -12.63 34.92 -32.47
N GLY C 210 -13.62 34.05 -32.73
CA GLY C 210 -14.95 34.13 -32.15
C GLY C 210 -14.98 33.65 -30.71
N PHE C 211 -16.09 33.94 -29.98
CA PHE C 211 -16.15 33.56 -28.56
C PHE C 211 -16.84 32.21 -28.25
N LEU C 212 -16.37 31.55 -27.17
CA LEU C 212 -16.96 30.32 -26.68
C LEU C 212 -17.36 30.63 -25.25
N VAL C 213 -18.66 30.58 -24.95
CA VAL C 213 -19.15 30.91 -23.62
C VAL C 213 -19.78 29.67 -23.02
N ILE C 214 -19.17 29.16 -21.94
CA ILE C 214 -19.68 27.99 -21.26
C ILE C 214 -19.95 28.32 -19.82
N MET C 215 -21.06 27.83 -19.32
CA MET C 215 -21.42 27.95 -17.93
C MET C 215 -21.91 26.55 -17.60
N ASP C 216 -21.35 25.91 -16.55
CA ASP C 216 -21.72 24.53 -16.22
C ASP C 216 -21.38 24.13 -14.77
N ALA C 217 -21.82 22.95 -14.33
CA ALA C 217 -21.53 22.49 -12.98
C ALA C 217 -20.06 22.03 -12.81
N LEU C 218 -19.60 21.89 -11.54
CA LEU C 218 -18.24 21.44 -11.21
C LEU C 218 -18.32 20.32 -10.22
N LYS C 219 -17.59 19.22 -10.43
CA LYS C 219 -17.59 18.08 -9.53
C LYS C 219 -19.00 17.53 -9.28
N SER C 220 -19.81 17.46 -10.33
CA SER C 220 -21.15 16.91 -10.25
C SER C 220 -21.14 15.64 -11.11
N SER C 221 -21.57 14.51 -10.53
CA SER C 221 -21.71 13.23 -11.23
C SER C 221 -23.21 12.89 -11.53
N TYR C 222 -24.17 13.70 -11.05
CA TYR C 222 -25.59 13.49 -11.38
C TYR C 222 -26.40 14.79 -11.24
N TYR C 223 -27.54 14.83 -11.93
CA TYR C 223 -28.50 15.89 -11.79
C TYR C 223 -29.92 15.27 -11.88
N MET C 224 -30.84 15.69 -10.99
CA MET C 224 -32.16 15.08 -10.86
C MET C 224 -33.22 15.86 -11.50
N ILE C 225 -34.09 15.18 -12.27
CA ILE C 225 -35.33 15.79 -12.76
C ILE C 225 -36.43 14.93 -12.18
N GLY C 226 -36.93 15.35 -11.04
CA GLY C 226 -37.95 14.62 -10.31
C GLY C 226 -37.36 13.37 -9.70
N GLU C 227 -37.93 12.23 -10.03
CA GLU C 227 -37.42 10.94 -9.56
C GLU C 227 -36.34 10.33 -10.50
N GLN C 228 -36.11 10.96 -11.67
CA GLN C 228 -35.19 10.50 -12.68
C GLN C 228 -33.83 11.13 -12.50
N LYS C 229 -32.80 10.27 -12.34
CA LYS C 229 -31.41 10.66 -12.19
C LYS C 229 -30.74 10.66 -13.57
N PHE C 230 -30.12 11.79 -13.93
CA PHE C 230 -29.40 11.96 -15.19
C PHE C 230 -27.92 12.11 -14.88
N SER C 231 -27.04 11.55 -15.71
CA SER C 231 -25.60 11.63 -15.48
C SER C 231 -25.02 13.02 -15.74
N SER C 232 -23.76 13.21 -15.31
CA SER C 232 -22.94 14.41 -15.42
C SER C 232 -21.47 14.03 -15.23
N LEU C 233 -20.57 14.82 -15.83
CA LEU C 233 -19.13 14.61 -15.72
C LEU C 233 -18.60 15.46 -14.58
N PRO C 234 -17.96 14.83 -13.57
CA PRO C 234 -17.49 15.59 -12.40
C PRO C 234 -16.14 16.29 -12.56
N LEU C 235 -16.01 17.21 -13.54
CA LEU C 235 -14.73 17.90 -13.74
C LEU C 235 -14.48 18.95 -12.69
N GLY C 236 -13.21 19.19 -12.42
CA GLY C 236 -12.82 20.33 -11.60
C GLY C 236 -12.50 21.51 -12.50
N ARG C 237 -12.11 22.62 -11.92
CA ARG C 237 -11.70 23.80 -12.66
C ARG C 237 -10.55 23.48 -13.68
N GLU C 238 -9.54 22.70 -13.27
CA GLU C 238 -8.38 22.42 -14.11
C GLU C 238 -8.63 21.43 -15.24
N ALA C 239 -9.67 20.61 -15.12
CA ALA C 239 -10.01 19.67 -16.17
C ALA C 239 -10.72 20.45 -17.30
N VAL C 240 -11.61 21.39 -16.95
CA VAL C 240 -12.31 22.24 -17.91
C VAL C 240 -11.28 23.08 -18.67
N GLU C 241 -10.43 23.80 -17.93
CA GLU C 241 -9.37 24.63 -18.46
C GLU C 241 -8.45 23.83 -19.41
N ALA C 242 -8.08 22.56 -19.07
CA ALA C 242 -7.27 21.69 -19.94
C ALA C 242 -7.99 21.26 -21.21
N ALA C 243 -9.29 20.86 -21.10
CA ALA C 243 -10.07 20.46 -22.27
C ALA C 243 -10.21 21.63 -23.24
N VAL C 244 -10.44 22.85 -22.71
CA VAL C 244 -10.60 24.01 -23.56
C VAL C 244 -9.35 24.31 -24.33
N LYS C 245 -8.22 24.41 -23.66
CA LYS C 245 -6.97 24.74 -24.35
C LYS C 245 -6.58 23.67 -25.37
N GLU C 246 -6.84 22.38 -25.07
CA GLU C 246 -6.54 21.30 -26.02
C GLU C 246 -7.38 21.38 -27.27
N ALA C 247 -8.62 21.87 -27.16
CA ALA C 247 -9.48 21.99 -28.33
C ALA C 247 -9.24 23.25 -29.16
N GLY C 248 -8.12 23.93 -28.92
CA GLY C 248 -7.73 25.10 -29.67
C GLY C 248 -8.37 26.41 -29.26
N TYR C 249 -8.40 26.70 -27.96
CA TYR C 249 -8.93 27.97 -27.49
C TYR C 249 -8.00 28.63 -26.49
N THR C 250 -8.07 29.96 -26.41
CA THR C 250 -7.33 30.69 -25.39
C THR C 250 -8.36 31.23 -24.40
N ILE C 251 -8.11 31.06 -23.09
CA ILE C 251 -9.07 31.55 -22.09
C ILE C 251 -8.84 33.02 -21.82
N GLU C 252 -9.90 33.84 -21.98
CA GLU C 252 -9.85 35.26 -21.68
C GLU C 252 -10.43 35.55 -20.28
N TRP C 253 -11.47 34.80 -19.87
CA TRP C 253 -12.14 35.02 -18.57
C TRP C 253 -12.60 33.70 -17.90
N PHE C 254 -12.09 33.36 -16.71
CA PHE C 254 -12.55 32.14 -16.02
C PHE C 254 -13.05 32.47 -14.61
N GLU C 255 -14.29 32.10 -14.28
CA GLU C 255 -14.90 32.38 -12.98
C GLU C 255 -15.54 31.12 -12.35
N VAL C 256 -15.58 31.04 -11.02
CA VAL C 256 -16.18 29.93 -10.27
C VAL C 256 -17.03 30.45 -9.11
N ILE C 257 -18.19 29.83 -8.85
CA ILE C 257 -19.01 30.16 -7.68
C ILE C 257 -19.04 28.93 -6.74
N SER C 258 -19.04 29.14 -5.42
CA SER C 258 -19.06 28.02 -4.47
C SER C 258 -20.49 27.45 -4.30
N GLN C 259 -21.53 28.29 -4.55
CA GLN C 259 -22.94 27.92 -4.43
C GLN C 259 -23.31 26.72 -5.30
N SER C 260 -23.90 25.71 -4.66
CA SER C 260 -24.29 24.51 -5.35
C SER C 260 -25.81 24.35 -5.30
N TYR C 261 -26.36 23.62 -6.29
CA TYR C 261 -27.76 23.24 -6.38
C TYR C 261 -28.16 22.47 -5.12
N SER C 262 -29.47 22.39 -4.82
CA SER C 262 -29.94 21.68 -3.62
C SER C 262 -29.44 20.23 -3.57
N SER C 263 -29.20 19.69 -2.36
CA SER C 263 -28.70 18.31 -2.20
C SER C 263 -29.60 17.26 -2.90
N THR C 264 -30.94 17.48 -2.86
CA THR C 264 -31.95 16.60 -3.48
C THR C 264 -31.97 16.71 -5.03
N MET C 265 -30.95 17.36 -5.62
CA MET C 265 -30.89 17.62 -7.04
C MET C 265 -29.55 17.21 -7.63
N ALA C 266 -28.42 17.55 -6.97
CA ALA C 266 -27.11 17.23 -7.50
C ALA C 266 -26.05 17.16 -6.45
N ASN C 267 -25.02 16.36 -6.70
CA ASN C 267 -23.86 16.30 -5.84
C ASN C 267 -22.79 17.31 -6.34
N ASN C 268 -23.23 18.46 -6.92
CA ASN C 268 -22.28 19.43 -7.46
C ASN C 268 -21.56 20.22 -6.37
N GLU C 269 -20.40 20.77 -6.74
CA GLU C 269 -19.57 21.56 -5.84
C GLU C 269 -19.27 22.93 -6.48
N GLY C 270 -20.33 23.65 -6.81
CA GLY C 270 -20.24 24.96 -7.44
C GLY C 270 -20.44 24.93 -8.95
N LEU C 271 -20.37 26.09 -9.60
CA LEU C 271 -20.49 26.18 -11.06
C LEU C 271 -19.30 26.99 -11.63
N PHE C 272 -19.08 26.89 -12.93
CA PHE C 272 -18.02 27.67 -13.58
C PHE C 272 -18.59 28.49 -14.77
N SER C 273 -17.86 29.55 -15.16
CA SER C 273 -18.25 30.39 -16.25
C SER C 273 -16.99 30.77 -16.98
N LEU C 274 -16.96 30.65 -18.34
CA LEU C 274 -15.76 31.01 -19.06
C LEU C 274 -16.02 31.64 -20.44
N VAL C 275 -15.07 32.47 -20.87
CA VAL C 275 -15.09 33.09 -22.18
C VAL C 275 -13.75 32.84 -22.86
N ALA C 276 -13.74 31.82 -23.70
CA ALA C 276 -12.57 31.45 -24.45
C ALA C 276 -12.71 32.00 -25.87
N ARG C 277 -11.61 32.06 -26.60
CA ARG C 277 -11.60 32.55 -27.97
C ARG C 277 -11.04 31.44 -28.84
N LYS C 278 -11.60 31.26 -30.05
CA LYS C 278 -11.07 30.23 -30.95
C LYS C 278 -9.73 30.65 -31.53
N LEU C 279 -8.68 29.85 -31.29
CA LEU C 279 -7.36 30.14 -31.82
C LEU C 279 -7.39 29.95 -33.31
N GLY D 23 22.77 -3.18 19.33
CA GLY D 23 21.85 -4.08 18.65
C GLY D 23 22.46 -5.45 18.40
N PHE D 24 22.88 -5.69 17.16
CA PHE D 24 23.47 -6.98 16.81
C PHE D 24 25.00 -6.95 16.91
N THR D 25 25.63 -8.08 17.24
CA THR D 25 27.09 -8.16 17.32
C THR D 25 27.72 -7.95 15.95
N SER D 26 28.75 -7.10 15.87
CA SER D 26 29.41 -6.85 14.59
C SER D 26 30.38 -7.96 14.24
N LYS D 27 30.68 -8.12 12.95
CA LYS D 27 31.67 -9.11 12.53
C LYS D 27 33.08 -8.69 13.00
N ASP D 28 33.35 -7.36 13.11
CA ASP D 28 34.61 -6.84 13.63
C ASP D 28 34.81 -7.26 15.10
N THR D 29 33.70 -7.40 15.87
CA THR D 29 33.69 -7.82 17.27
C THR D 29 34.14 -9.29 17.45
N TYR D 30 34.01 -10.11 16.40
CA TYR D 30 34.53 -11.48 16.43
C TYR D 30 36.05 -11.48 16.31
N LEU D 31 36.62 -10.45 15.66
CA LEU D 31 38.06 -10.31 15.51
C LEU D 31 38.75 -9.73 16.76
N SER D 32 37.99 -9.29 17.77
CA SER D 32 38.58 -8.67 18.95
C SER D 32 38.12 -9.31 20.25
N HIS D 33 36.82 -9.63 20.37
CA HIS D 33 36.28 -10.16 21.62
C HIS D 33 35.99 -11.65 21.61
N PHE D 34 36.06 -12.32 20.45
CA PHE D 34 35.84 -13.77 20.41
C PHE D 34 37.13 -14.44 20.77
N ASN D 35 37.16 -15.16 21.90
CA ASN D 35 38.36 -15.88 22.30
C ASN D 35 38.17 -17.37 22.01
N PRO D 36 39.03 -17.96 21.15
CA PRO D 36 38.84 -19.37 20.77
C PRO D 36 39.22 -20.43 21.82
N ARG D 37 40.18 -20.18 22.72
CA ARG D 37 40.50 -21.18 23.76
C ARG D 37 39.30 -21.20 24.77
N ASP D 38 38.74 -20.02 25.06
CA ASP D 38 37.60 -19.86 25.94
C ASP D 38 36.40 -20.56 25.32
N TYR D 39 36.17 -20.34 24.00
CA TYR D 39 35.08 -20.93 23.25
C TYR D 39 35.09 -22.46 23.35
N LEU D 40 36.22 -23.08 22.99
CA LEU D 40 36.44 -24.51 23.01
C LEU D 40 36.26 -25.08 24.41
N GLU D 41 36.74 -24.37 25.42
CA GLU D 41 36.67 -24.82 26.81
C GLU D 41 35.28 -24.78 27.39
N LYS D 42 34.45 -23.85 26.93
CA LYS D 42 33.12 -23.68 27.46
C LYS D 42 32.03 -24.58 26.85
N TYR D 43 32.11 -24.90 25.54
CA TYR D 43 31.08 -25.69 24.89
C TYR D 43 31.51 -27.07 24.42
N TYR D 44 32.83 -27.39 24.47
CA TYR D 44 33.36 -28.63 23.91
C TYR D 44 34.25 -29.44 24.87
N LYS D 45 33.87 -29.46 26.16
CA LYS D 45 34.54 -30.16 27.24
C LYS D 45 33.69 -31.34 27.78
N SER D 51 26.28 -32.24 31.84
CA SER D 51 26.17 -30.86 31.34
C SER D 51 25.33 -30.82 30.08
N ALA D 52 24.62 -29.71 29.84
CA ALA D 52 23.81 -29.57 28.61
C ALA D 52 24.71 -29.44 27.36
N GLU D 53 25.92 -28.90 27.53
CA GLU D 53 26.91 -28.71 26.47
C GLU D 53 27.33 -30.07 25.94
N SER D 54 27.56 -31.04 26.84
CA SER D 54 27.94 -32.40 26.46
C SER D 54 26.75 -33.12 25.82
N GLN D 55 25.55 -32.92 26.37
CA GLN D 55 24.32 -33.54 25.86
C GLN D 55 24.02 -33.12 24.44
N ILE D 56 24.24 -31.81 24.12
CA ILE D 56 24.03 -31.29 22.78
C ILE D 56 25.10 -31.81 21.81
N LEU D 57 26.37 -31.68 22.17
CA LEU D 57 27.51 -32.17 21.36
C LEU D 57 27.33 -33.64 20.95
N LYS D 58 26.85 -34.50 21.88
CA LYS D 58 26.61 -35.91 21.56
C LYS D 58 25.55 -36.08 20.45
N HIS D 59 24.47 -35.30 20.46
CA HIS D 59 23.45 -35.39 19.42
C HIS D 59 23.96 -34.87 18.10
N LEU D 60 24.65 -33.72 18.10
CA LEU D 60 25.21 -33.15 16.88
C LEU D 60 26.18 -34.11 16.19
N LEU D 61 27.00 -34.82 16.99
CA LEU D 61 27.92 -35.83 16.46
C LEU D 61 27.16 -37.03 15.83
N LYS D 62 26.06 -37.53 16.51
CA LYS D 62 25.21 -38.63 16.03
C LYS D 62 24.50 -38.30 14.72
N ASN D 63 24.06 -37.04 14.54
CA ASN D 63 23.41 -36.60 13.32
C ASN D 63 24.43 -36.53 12.19
N LEU D 64 25.64 -35.98 12.44
CA LEU D 64 26.67 -35.95 11.40
C LEU D 64 27.10 -37.37 11.01
N PHE D 65 27.10 -38.32 11.97
CA PHE D 65 27.40 -39.72 11.68
C PHE D 65 26.22 -40.36 10.87
N LYS D 66 24.99 -39.89 11.09
CA LYS D 66 23.83 -40.34 10.33
C LYS D 66 23.96 -39.80 8.88
N ILE D 67 24.00 -38.46 8.70
CA ILE D 67 24.15 -37.75 7.41
C ILE D 67 25.27 -38.30 6.50
N PHE D 68 26.55 -38.31 6.94
CA PHE D 68 27.65 -38.73 6.08
C PHE D 68 27.90 -40.27 6.00
N CYS D 69 27.80 -41.00 7.13
CA CYS D 69 28.10 -42.43 7.12
C CYS D 69 26.89 -43.33 6.83
N LEU D 70 25.76 -43.06 7.46
CA LEU D 70 24.55 -43.87 7.28
C LEU D 70 23.77 -43.53 6.00
N ASP D 71 23.71 -42.24 5.64
CA ASP D 71 22.98 -41.79 4.45
C ASP D 71 23.91 -41.71 3.19
N GLY D 72 23.45 -41.04 2.13
CA GLY D 72 24.22 -40.90 0.90
C GLY D 72 24.80 -39.51 0.68
N VAL D 73 25.45 -38.93 1.73
CA VAL D 73 26.09 -37.62 1.62
C VAL D 73 27.62 -37.81 1.48
N LYS D 74 28.02 -38.06 0.22
CA LYS D 74 29.35 -38.40 -0.27
C LYS D 74 29.88 -37.32 -1.23
N GLY D 75 31.18 -37.38 -1.58
CA GLY D 75 31.78 -36.44 -2.54
C GLY D 75 33.27 -36.20 -2.42
N ASP D 76 33.83 -35.44 -3.38
CA ASP D 76 35.24 -35.07 -3.40
C ASP D 76 35.51 -33.84 -2.56
N LEU D 77 34.60 -32.86 -2.59
CA LEU D 77 34.86 -31.59 -1.94
C LEU D 77 33.75 -31.10 -1.02
N LEU D 78 34.12 -30.77 0.22
CA LEU D 78 33.21 -30.22 1.20
C LEU D 78 33.82 -28.94 1.71
N ILE D 79 33.02 -27.88 1.78
CA ILE D 79 33.46 -26.61 2.36
C ILE D 79 32.68 -26.42 3.66
N ASP D 80 33.38 -26.33 4.79
CA ASP D 80 32.75 -26.12 6.08
C ASP D 80 32.83 -24.63 6.35
N ILE D 81 31.69 -23.95 6.37
CA ILE D 81 31.63 -22.52 6.58
C ILE D 81 31.50 -22.16 8.07
N GLY D 82 32.36 -21.26 8.55
CA GLY D 82 32.30 -20.78 9.92
C GLY D 82 32.74 -21.82 10.93
N SER D 83 33.82 -22.51 10.59
CA SER D 83 34.44 -23.60 11.35
C SER D 83 34.79 -23.21 12.77
N GLY D 84 35.12 -21.94 12.99
CA GLY D 84 35.58 -21.46 14.28
C GLY D 84 36.88 -22.15 14.63
N PRO D 85 37.03 -22.62 15.87
CA PRO D 85 38.21 -23.39 16.22
C PRO D 85 37.84 -24.87 16.42
N THR D 86 36.74 -25.35 15.79
CA THR D 86 36.28 -26.72 16.02
C THR D 86 36.48 -27.59 14.78
N ILE D 87 36.62 -28.90 15.04
CA ILE D 87 36.83 -29.99 14.10
C ILE D 87 35.85 -31.15 14.38
N TYR D 88 34.98 -31.05 15.43
CA TYR D 88 34.02 -32.11 15.74
C TYR D 88 33.06 -32.28 14.54
N GLN D 89 32.71 -31.18 13.81
CA GLN D 89 31.79 -31.22 12.68
C GLN D 89 32.29 -31.92 11.47
N LEU D 90 33.59 -32.24 11.44
CA LEU D 90 34.24 -32.86 10.29
C LEU D 90 34.78 -34.27 10.59
N LEU D 91 34.60 -34.80 11.84
CA LEU D 91 35.09 -36.11 12.26
C LEU D 91 34.51 -37.28 11.45
N SER D 92 33.20 -37.24 11.14
CA SER D 92 32.59 -38.30 10.34
C SER D 92 32.68 -37.95 8.85
N ALA D 93 32.51 -36.64 8.51
CA ALA D 93 32.56 -36.11 7.14
C ALA D 93 33.81 -36.52 6.37
N CYS D 94 34.97 -36.59 7.04
CA CYS D 94 36.22 -37.00 6.36
C CYS D 94 36.19 -38.48 5.85
N GLU D 95 35.16 -39.25 6.23
CA GLU D 95 35.02 -40.62 5.75
C GLU D 95 34.39 -40.63 4.35
N SER D 96 33.40 -39.76 4.12
CA SER D 96 32.72 -39.65 2.84
C SER D 96 33.30 -38.58 1.93
N PHE D 97 34.13 -37.66 2.46
CA PHE D 97 34.71 -36.59 1.65
C PHE D 97 36.24 -36.72 1.47
N LYS D 98 36.72 -36.52 0.23
CA LYS D 98 38.14 -36.66 -0.07
C LYS D 98 38.94 -35.40 0.32
N GLU D 99 38.39 -34.22 0.10
CA GLU D 99 39.06 -32.98 0.49
C GLU D 99 38.06 -32.11 1.25
N ILE D 100 38.55 -31.45 2.30
CA ILE D 100 37.76 -30.56 3.13
C ILE D 100 38.40 -29.15 3.26
N VAL D 101 37.60 -28.09 3.04
CA VAL D 101 38.10 -26.73 3.23
C VAL D 101 37.46 -26.16 4.51
N VAL D 102 38.28 -25.67 5.45
CA VAL D 102 37.77 -25.06 6.65
C VAL D 102 37.89 -23.56 6.54
N THR D 103 36.79 -22.85 6.79
CA THR D 103 36.76 -21.38 6.68
C THR D 103 36.19 -20.71 7.92
N ASP D 104 36.46 -19.41 8.11
CA ASP D 104 35.98 -18.59 9.22
C ASP D 104 36.30 -17.11 9.00
N TYR D 105 35.51 -16.23 9.62
CA TYR D 105 35.76 -14.81 9.52
C TYR D 105 37.01 -14.45 10.32
N SER D 106 37.10 -15.00 11.54
CA SER D 106 38.21 -14.73 12.44
C SER D 106 39.48 -15.51 12.13
N ASP D 107 40.50 -14.83 11.59
CA ASP D 107 41.82 -15.41 11.28
C ASP D 107 42.47 -16.05 12.52
N GLN D 108 42.08 -15.56 13.71
CA GLN D 108 42.47 -16.03 15.04
C GLN D 108 41.85 -17.44 15.35
N ASN D 109 40.60 -17.69 14.94
CA ASN D 109 39.94 -18.98 15.11
C ASN D 109 40.54 -20.02 14.18
N LEU D 110 40.94 -19.60 12.95
CA LEU D 110 41.62 -20.45 11.97
C LEU D 110 43.07 -20.78 12.41
N GLN D 111 43.67 -19.91 13.24
CA GLN D 111 45.00 -20.09 13.79
C GLN D 111 44.90 -21.19 14.86
N GLU D 112 43.89 -21.10 15.75
CA GLU D 112 43.59 -22.07 16.80
C GLU D 112 43.23 -23.43 16.18
N LEU D 113 42.50 -23.40 15.05
CA LEU D 113 42.13 -24.58 14.29
C LEU D 113 43.39 -25.26 13.81
N GLU D 114 44.29 -24.47 13.19
CA GLU D 114 45.55 -24.97 12.63
C GLU D 114 46.48 -25.55 13.69
N LYS D 115 46.42 -25.05 14.94
CA LYS D 115 47.21 -25.61 16.05
C LYS D 115 46.85 -27.08 16.29
N TRP D 116 45.58 -27.47 16.06
CA TRP D 116 45.17 -28.86 16.21
C TRP D 116 45.59 -29.65 15.00
N LEU D 117 45.33 -29.11 13.79
CA LEU D 117 45.70 -29.71 12.51
C LEU D 117 47.20 -30.02 12.43
N LYS D 118 48.04 -29.20 13.10
CA LYS D 118 49.49 -29.37 13.12
C LYS D 118 50.00 -30.31 14.22
N ALA D 119 49.11 -30.83 15.07
CA ALA D 119 49.42 -31.72 16.19
C ALA D 119 50.33 -31.04 17.21
N ALA D 120 50.13 -29.75 17.44
CA ALA D 120 50.87 -29.01 18.44
C ALA D 120 50.41 -29.46 19.85
N PRO D 121 51.31 -29.52 20.83
CA PRO D 121 50.93 -30.02 22.17
C PRO D 121 49.92 -29.13 22.87
N ALA D 122 50.04 -27.80 22.67
CA ALA D 122 49.14 -26.84 23.32
C ALA D 122 47.70 -26.92 22.84
N ALA D 123 47.47 -27.46 21.60
CA ALA D 123 46.18 -27.63 20.92
C ALA D 123 45.08 -28.23 21.77
N PHE D 124 43.82 -27.94 21.41
CA PHE D 124 42.67 -28.47 22.15
C PHE D 124 42.62 -30.00 22.24
N ASP D 125 42.29 -30.50 23.43
CA ASP D 125 42.15 -31.93 23.63
C ASP D 125 40.81 -32.41 23.07
N TRP D 126 40.78 -32.86 21.80
CA TRP D 126 39.55 -33.44 21.23
C TRP D 126 39.54 -34.99 21.33
N SER D 127 40.43 -35.58 22.13
CA SER D 127 40.46 -37.04 22.28
C SER D 127 39.12 -37.67 22.70
N PRO D 128 38.38 -37.12 23.70
CA PRO D 128 37.13 -37.76 24.10
C PRO D 128 36.11 -37.72 22.97
N VAL D 129 36.02 -36.58 22.25
CA VAL D 129 35.10 -36.41 21.13
C VAL D 129 35.49 -37.40 20.03
N VAL D 130 36.78 -37.52 19.72
CA VAL D 130 37.25 -38.48 18.70
C VAL D 130 36.88 -39.91 19.09
N THR D 131 36.99 -40.23 20.38
CA THR D 131 36.66 -41.56 20.88
C THR D 131 35.15 -41.84 20.72
N TYR D 132 34.31 -40.83 20.89
CA TYR D 132 32.87 -40.97 20.76
C TYR D 132 32.49 -41.21 19.28
N VAL D 133 33.15 -40.55 18.34
CA VAL D 133 32.86 -40.75 16.91
C VAL D 133 33.32 -42.15 16.50
N CYS D 134 34.52 -42.54 16.96
CA CYS D 134 35.07 -43.88 16.73
C CYS D 134 34.10 -44.98 17.22
N ASP D 135 33.45 -44.79 18.38
CA ASP D 135 32.46 -45.72 18.95
C ASP D 135 31.20 -45.82 18.09
N LEU D 136 30.75 -44.70 17.50
CA LEU D 136 29.57 -44.70 16.63
C LEU D 136 29.90 -45.48 15.34
N GLU D 137 31.13 -45.35 14.83
CA GLU D 137 31.51 -46.03 13.59
C GLU D 137 31.94 -47.49 13.78
N GLY D 138 31.61 -48.08 14.93
CA GLY D 138 31.90 -49.49 15.19
C GLY D 138 33.34 -49.79 15.50
N ASN D 139 34.08 -48.79 15.98
CA ASN D 139 35.48 -48.88 16.33
C ASN D 139 36.34 -49.56 15.25
N ARG D 140 36.09 -49.19 13.98
CA ARG D 140 36.88 -49.67 12.83
C ARG D 140 38.33 -49.17 12.93
N VAL D 141 38.51 -47.95 13.48
CA VAL D 141 39.79 -47.30 13.70
C VAL D 141 39.89 -46.80 15.14
N LYS D 142 41.11 -46.68 15.65
CA LYS D 142 41.33 -46.14 16.99
C LYS D 142 41.65 -44.64 16.88
N GLY D 143 41.54 -43.92 17.99
CA GLY D 143 41.77 -42.48 18.08
C GLY D 143 42.75 -41.82 17.13
N PRO D 144 44.06 -42.19 17.19
CA PRO D 144 45.04 -41.54 16.31
C PRO D 144 44.86 -41.83 14.82
N GLU D 145 44.25 -42.98 14.48
CA GLU D 145 44.02 -43.35 13.09
C GLU D 145 42.96 -42.39 12.51
N LYS D 146 41.87 -42.16 13.27
CA LYS D 146 40.81 -41.24 12.92
C LYS D 146 41.38 -39.82 12.75
N GLU D 147 42.13 -39.32 13.76
CA GLU D 147 42.73 -37.99 13.74
C GLU D 147 43.67 -37.77 12.56
N GLU D 148 44.31 -38.83 12.07
CA GLU D 148 45.17 -38.72 10.92
C GLU D 148 44.32 -38.52 9.65
N LYS D 149 43.21 -39.25 9.52
CA LYS D 149 42.34 -39.09 8.33
C LYS D 149 41.78 -37.67 8.23
N LEU D 150 41.48 -37.05 9.37
CA LEU D 150 40.96 -35.71 9.39
C LEU D 150 42.05 -34.72 9.06
N ARG D 151 43.23 -34.83 9.69
CA ARG D 151 44.34 -33.92 9.37
C ARG D 151 44.74 -34.01 7.88
N GLN D 152 44.63 -35.20 7.31
CA GLN D 152 44.96 -35.48 5.91
C GLN D 152 43.86 -34.99 4.95
N ALA D 153 42.60 -34.80 5.42
CA ALA D 153 41.51 -34.38 4.52
C ALA D 153 41.45 -32.87 4.33
N VAL D 154 41.77 -32.13 5.38
CA VAL D 154 41.73 -30.68 5.33
C VAL D 154 42.86 -30.18 4.44
N LYS D 155 42.51 -29.70 3.26
CA LYS D 155 43.51 -29.22 2.31
C LYS D 155 43.74 -27.73 2.40
N GLN D 156 42.73 -26.96 2.82
CA GLN D 156 42.86 -25.50 2.87
C GLN D 156 42.26 -24.95 4.14
N VAL D 157 42.83 -23.86 4.62
CA VAL D 157 42.33 -23.12 5.78
C VAL D 157 42.22 -21.69 5.27
N LEU D 158 41.02 -21.32 4.74
CA LEU D 158 40.73 -20.03 4.10
C LEU D 158 39.86 -19.05 4.91
N LYS D 159 39.99 -17.75 4.64
CA LYS D 159 39.15 -16.73 5.25
C LYS D 159 37.80 -16.77 4.55
N CYS D 160 36.72 -16.45 5.29
CA CYS D 160 35.37 -16.55 4.79
C CYS D 160 34.39 -15.54 5.44
N ASP D 161 33.40 -15.06 4.66
CA ASP D 161 32.36 -14.13 5.13
C ASP D 161 31.05 -14.52 4.43
N VAL D 162 30.09 -15.09 5.16
CA VAL D 162 28.85 -15.58 4.56
C VAL D 162 27.94 -14.48 3.97
N THR D 163 28.18 -13.19 4.30
CA THR D 163 27.34 -12.10 3.78
C THR D 163 27.75 -11.60 2.40
N GLN D 164 28.99 -11.78 2.03
CA GLN D 164 29.49 -11.32 0.74
C GLN D 164 28.97 -12.19 -0.41
N SER D 165 28.63 -11.59 -1.58
CA SER D 165 28.15 -12.35 -2.76
C SER D 165 29.06 -13.54 -3.09
N GLN D 166 30.39 -13.38 -2.80
CA GLN D 166 31.48 -14.36 -2.89
C GLN D 166 32.02 -14.57 -1.46
N PRO D 167 31.61 -15.65 -0.76
CA PRO D 167 32.04 -15.83 0.64
C PRO D 167 33.54 -16.08 0.85
N LEU D 168 34.22 -16.73 -0.11
CA LEU D 168 35.65 -16.99 0.03
C LEU D 168 36.59 -15.97 -0.64
N GLY D 169 36.01 -14.97 -1.32
CA GLY D 169 36.72 -13.88 -1.97
C GLY D 169 37.82 -14.22 -2.96
N ALA D 170 37.46 -14.36 -4.25
CA ALA D 170 38.35 -14.65 -5.40
C ALA D 170 39.16 -15.95 -5.33
N VAL D 171 38.93 -16.80 -4.31
CA VAL D 171 39.68 -18.05 -4.19
C VAL D 171 39.12 -19.08 -5.16
N PRO D 172 39.98 -19.61 -6.04
CA PRO D 172 39.50 -20.56 -7.05
C PRO D 172 39.36 -22.00 -6.56
N LEU D 173 38.14 -22.41 -6.20
CA LEU D 173 37.87 -23.78 -5.79
C LEU D 173 36.84 -24.37 -6.73
N PRO D 174 36.96 -25.67 -7.06
CA PRO D 174 35.93 -26.32 -7.90
C PRO D 174 34.56 -26.32 -7.23
N PRO D 175 33.46 -26.58 -7.96
CA PRO D 175 32.15 -26.58 -7.32
C PRO D 175 32.05 -27.71 -6.31
N ALA D 176 31.98 -27.36 -5.03
CA ALA D 176 31.92 -28.29 -3.92
C ALA D 176 30.67 -29.16 -3.98
N ASP D 177 30.77 -30.41 -3.52
CA ASP D 177 29.63 -31.33 -3.51
C ASP D 177 28.69 -31.06 -2.33
N CYS D 178 29.25 -30.59 -1.21
CA CYS D 178 28.50 -30.37 0.01
C CYS D 178 29.04 -29.15 0.72
N VAL D 179 28.13 -28.36 1.31
CA VAL D 179 28.54 -27.18 2.09
C VAL D 179 27.96 -27.36 3.49
N LEU D 180 28.81 -27.24 4.49
CA LEU D 180 28.38 -27.43 5.88
C LEU D 180 28.53 -26.12 6.68
N SER D 181 27.74 -25.96 7.71
CA SER D 181 27.84 -24.84 8.65
C SER D 181 27.10 -25.19 9.94
N THR D 182 27.87 -25.27 11.01
CA THR D 182 27.37 -25.62 12.31
C THR D 182 27.56 -24.43 13.23
N LEU D 183 26.45 -23.87 13.69
CA LEU D 183 26.40 -22.80 14.69
C LEU D 183 27.16 -21.52 14.30
N CYS D 184 27.09 -21.14 13.00
CA CYS D 184 27.70 -19.92 12.49
C CYS D 184 26.58 -18.99 12.04
N LEU D 185 25.79 -19.48 11.06
CA LEU D 185 24.75 -18.71 10.42
C LEU D 185 23.85 -17.91 11.36
N ASP D 186 23.37 -18.46 12.47
CA ASP D 186 22.48 -17.73 13.38
C ASP D 186 23.18 -16.53 14.01
N ALA D 187 24.49 -16.68 14.28
CA ALA D 187 25.31 -15.63 14.87
C ALA D 187 25.76 -14.58 13.83
N ALA D 188 25.81 -14.95 12.56
CA ALA D 188 26.27 -14.07 11.50
C ALA D 188 25.19 -13.17 10.94
N CYS D 189 23.92 -13.55 11.07
CA CYS D 189 22.83 -12.83 10.46
C CYS D 189 21.98 -11.98 11.40
N PRO D 190 22.04 -10.63 11.21
CA PRO D 190 21.24 -9.74 12.07
C PRO D 190 19.74 -9.89 11.89
N ASP D 191 19.31 -10.26 10.68
CA ASP D 191 17.87 -10.44 10.42
C ASP D 191 17.60 -11.64 9.46
N LEU D 192 16.33 -12.00 9.23
CA LEU D 192 16.01 -13.11 8.31
C LEU D 192 16.42 -12.81 6.81
N PRO D 193 16.27 -11.58 6.23
CA PRO D 193 16.75 -11.37 4.85
C PRO D 193 18.25 -11.60 4.71
N THR D 194 19.05 -11.36 5.81
CA THR D 194 20.49 -11.63 5.79
C THR D 194 20.75 -13.13 5.79
N TYR D 195 19.97 -13.88 6.58
CA TYR D 195 20.03 -15.33 6.62
C TYR D 195 19.71 -15.91 5.25
N CYS D 196 18.71 -15.34 4.57
CA CYS D 196 18.28 -15.71 3.22
C CYS D 196 19.38 -15.40 2.21
N ARG D 197 20.06 -14.25 2.38
CA ARG D 197 21.16 -13.89 1.50
C ARG D 197 22.34 -14.85 1.65
N ALA D 198 22.81 -15.08 2.88
CA ALA D 198 23.93 -15.97 3.21
C ALA D 198 23.80 -17.37 2.62
N LEU D 199 22.60 -17.99 2.68
CA LEU D 199 22.37 -19.32 2.11
C LEU D 199 22.64 -19.32 0.61
N ARG D 200 22.17 -18.25 -0.09
CA ARG D 200 22.45 -18.03 -1.52
C ARG D 200 23.97 -17.93 -1.73
N ASN D 201 24.68 -17.15 -0.91
CA ASN D 201 26.12 -16.97 -1.02
C ASN D 201 26.85 -18.30 -0.91
N LEU D 202 26.43 -19.17 0.02
CA LEU D 202 27.00 -20.52 0.17
C LEU D 202 26.62 -21.40 -1.03
N GLY D 203 25.44 -21.17 -1.61
CA GLY D 203 24.99 -21.88 -2.81
C GLY D 203 25.87 -21.61 -4.02
N SER D 204 26.51 -20.43 -4.06
CA SER D 204 27.43 -20.11 -5.18
C SER D 204 28.61 -21.08 -5.17
N LEU D 205 29.09 -21.50 -3.98
CA LEU D 205 30.19 -22.47 -3.82
C LEU D 205 29.77 -23.92 -4.15
N LEU D 206 28.46 -24.18 -4.28
CA LEU D 206 27.84 -25.48 -4.48
C LEU D 206 27.46 -25.82 -5.91
N LYS D 207 27.72 -27.10 -6.29
CA LYS D 207 27.35 -27.78 -7.54
C LYS D 207 25.82 -27.83 -7.62
N PRO D 208 25.18 -27.85 -8.83
CA PRO D 208 23.71 -28.00 -8.88
C PRO D 208 23.36 -29.38 -8.35
N GLY D 209 22.39 -29.46 -7.45
CA GLY D 209 22.02 -30.73 -6.85
C GLY D 209 22.98 -31.23 -5.77
N GLY D 210 23.78 -30.30 -5.22
CA GLY D 210 24.71 -30.56 -4.15
C GLY D 210 24.04 -30.45 -2.79
N PHE D 211 24.72 -30.93 -1.71
CA PHE D 211 24.14 -30.94 -0.37
C PHE D 211 24.43 -29.70 0.49
N LEU D 212 23.48 -29.35 1.36
CA LEU D 212 23.64 -28.26 2.30
C LEU D 212 23.26 -28.77 3.69
N VAL D 213 24.25 -28.83 4.59
CA VAL D 213 24.02 -29.34 5.95
C VAL D 213 24.19 -28.19 6.93
N ILE D 214 23.11 -27.80 7.59
CA ILE D 214 23.18 -26.74 8.59
C ILE D 214 22.69 -27.28 9.90
N MET D 215 23.38 -26.94 10.96
CA MET D 215 22.98 -27.34 12.31
C MET D 215 23.14 -26.10 13.18
N ASP D 216 22.04 -25.50 13.64
CA ASP D 216 22.11 -24.29 14.45
C ASP D 216 21.06 -24.24 15.59
N ALA D 217 21.03 -23.14 16.35
CA ALA D 217 20.07 -23.00 17.44
C ALA D 217 18.75 -22.40 17.00
N LEU D 218 17.67 -22.74 17.71
CA LEU D 218 16.36 -22.13 17.45
C LEU D 218 16.02 -21.15 18.62
N LYS D 219 15.28 -20.08 18.32
CA LYS D 219 14.81 -19.08 19.27
C LYS D 219 15.88 -18.50 20.21
N SER D 220 17.12 -18.35 19.73
CA SER D 220 18.21 -17.84 20.55
C SER D 220 18.58 -16.39 20.17
N SER D 221 18.38 -15.45 21.09
CA SER D 221 18.77 -14.06 20.89
C SER D 221 20.24 -13.81 21.32
N TYR D 222 20.85 -14.71 22.12
CA TYR D 222 22.23 -14.52 22.54
C TYR D 222 22.93 -15.85 22.84
N TYR D 223 24.26 -15.79 22.96
CA TYR D 223 25.13 -16.86 23.42
C TYR D 223 26.35 -16.24 24.11
N MET D 224 26.75 -16.86 25.22
CA MET D 224 27.80 -16.39 26.13
C MET D 224 29.13 -17.07 26.03
N ILE D 225 30.19 -16.28 26.20
CA ILE D 225 31.55 -16.74 26.35
C ILE D 225 32.09 -16.09 27.64
N GLY D 226 31.55 -16.55 28.78
CA GLY D 226 31.91 -16.11 30.12
C GLY D 226 31.83 -14.62 30.29
N GLU D 227 30.64 -14.11 30.58
CA GLU D 227 30.40 -12.68 30.74
C GLU D 227 30.60 -11.87 29.45
N GLN D 228 31.05 -12.51 28.35
CA GLN D 228 31.16 -11.84 27.06
C GLN D 228 29.94 -12.29 26.22
N LYS D 229 28.91 -11.40 26.08
CA LYS D 229 27.67 -11.70 25.36
C LYS D 229 27.77 -11.45 23.88
N PHE D 230 27.49 -12.48 23.08
CA PHE D 230 27.49 -12.44 21.62
C PHE D 230 26.08 -12.63 21.13
N SER D 231 25.54 -11.66 20.38
CA SER D 231 24.19 -11.73 19.87
C SER D 231 23.94 -12.90 18.90
N SER D 232 22.67 -13.24 18.74
CA SER D 232 22.23 -14.32 17.89
C SER D 232 20.89 -13.96 17.22
N LEU D 233 20.55 -14.63 16.12
CA LEU D 233 19.25 -14.43 15.47
C LEU D 233 18.25 -15.47 15.98
N PRO D 234 17.19 -15.02 16.69
CA PRO D 234 16.21 -15.96 17.30
C PRO D 234 15.22 -16.66 16.35
N LEU D 235 15.71 -17.27 15.25
CA LEU D 235 14.93 -17.98 14.26
C LEU D 235 14.15 -19.14 14.80
N GLY D 236 12.93 -19.25 14.32
CA GLY D 236 12.05 -20.38 14.61
C GLY D 236 12.15 -21.41 13.50
N ARG D 237 11.50 -22.56 13.70
CA ARG D 237 11.52 -23.66 12.74
C ARG D 237 11.03 -23.19 11.35
N GLU D 238 9.89 -22.48 11.31
CA GLU D 238 9.29 -21.98 10.08
C GLU D 238 10.04 -20.86 9.40
N ALA D 239 10.82 -20.07 10.13
CA ALA D 239 11.63 -19.00 9.55
C ALA D 239 12.85 -19.63 8.87
N VAL D 240 13.50 -20.63 9.51
CA VAL D 240 14.64 -21.33 8.93
C VAL D 240 14.21 -21.99 7.61
N GLU D 241 13.11 -22.77 7.67
CA GLU D 241 12.50 -23.44 6.53
C GLU D 241 12.22 -22.49 5.33
N ALA D 242 11.56 -21.35 5.60
CA ALA D 242 11.25 -20.35 4.56
C ALA D 242 12.53 -19.75 3.98
N ALA D 243 13.56 -19.53 4.82
CA ALA D 243 14.82 -18.94 4.35
C ALA D 243 15.58 -19.90 3.44
N VAL D 244 15.59 -21.20 3.76
CA VAL D 244 16.28 -22.17 2.92
C VAL D 244 15.58 -22.33 1.58
N LYS D 245 14.24 -22.43 1.55
CA LYS D 245 13.51 -22.58 0.27
C LYS D 245 13.65 -21.36 -0.59
N GLU D 246 13.48 -20.16 0.00
CA GLU D 246 13.65 -18.91 -0.74
C GLU D 246 15.05 -18.75 -1.32
N ALA D 247 16.06 -19.24 -0.61
CA ALA D 247 17.43 -19.19 -1.11
C ALA D 247 17.71 -20.17 -2.26
N GLY D 248 16.67 -20.82 -2.78
CA GLY D 248 16.77 -21.74 -3.91
C GLY D 248 17.16 -23.16 -3.56
N TYR D 249 16.61 -23.69 -2.47
CA TYR D 249 16.91 -25.04 -2.02
C TYR D 249 15.66 -25.87 -1.80
N THR D 250 15.84 -27.19 -1.71
CA THR D 250 14.75 -28.10 -1.40
C THR D 250 15.17 -28.92 -0.18
N ILE D 251 14.37 -28.91 0.91
CA ILE D 251 14.72 -29.68 2.12
C ILE D 251 14.38 -31.18 1.97
N GLU D 252 15.36 -32.05 2.27
CA GLU D 252 15.28 -33.53 2.26
C GLU D 252 14.95 -34.06 3.68
N TRP D 253 15.70 -33.62 4.69
CA TRP D 253 15.42 -33.98 6.09
C TRP D 253 15.60 -32.73 7.00
N PHE D 254 14.67 -32.51 7.94
CA PHE D 254 14.69 -31.40 8.89
C PHE D 254 14.36 -31.98 10.28
N GLU D 255 15.25 -31.77 11.26
CA GLU D 255 15.13 -32.27 12.62
C GLU D 255 15.14 -31.12 13.61
N VAL D 256 14.53 -31.31 14.77
CA VAL D 256 14.48 -30.30 15.83
C VAL D 256 14.56 -31.04 17.16
N ILE D 257 15.41 -30.58 18.11
CA ILE D 257 15.42 -31.19 19.44
C ILE D 257 15.10 -30.14 20.51
N SER D 258 14.42 -30.52 21.59
CA SER D 258 14.05 -29.56 22.63
C SER D 258 15.21 -29.15 23.53
N GLN D 259 16.27 -29.98 23.58
CA GLN D 259 17.48 -29.75 24.37
C GLN D 259 18.13 -28.40 24.09
N SER D 260 18.31 -27.61 25.15
CA SER D 260 18.92 -26.30 25.09
C SER D 260 20.23 -26.23 25.86
N TYR D 261 21.13 -25.29 25.49
CA TYR D 261 22.37 -25.07 26.23
C TYR D 261 22.03 -24.59 27.66
N SER D 262 23.00 -24.60 28.57
CA SER D 262 22.76 -24.17 29.94
C SER D 262 22.29 -22.70 29.96
N SER D 263 21.29 -22.35 30.82
CA SER D 263 20.71 -21.00 30.92
C SER D 263 21.76 -19.88 31.08
N THR D 264 22.92 -20.17 31.70
CA THR D 264 24.00 -19.18 31.84
C THR D 264 24.91 -19.11 30.61
N MET D 265 24.42 -19.58 29.45
CA MET D 265 25.18 -19.62 28.21
C MET D 265 24.34 -19.23 27.03
N ALA D 266 23.00 -19.45 27.08
CA ALA D 266 22.13 -19.17 25.94
C ALA D 266 20.67 -19.19 26.32
N ASN D 267 19.84 -18.47 25.55
CA ASN D 267 18.40 -18.52 25.73
C ASN D 267 17.72 -19.32 24.59
N ASN D 268 18.44 -20.33 24.04
CA ASN D 268 17.86 -21.09 22.92
C ASN D 268 16.79 -22.06 23.39
N GLU D 269 15.80 -22.32 22.52
CA GLU D 269 14.75 -23.28 22.83
C GLU D 269 14.90 -24.42 21.84
N GLY D 270 15.95 -25.21 22.02
CA GLY D 270 16.24 -26.33 21.13
C GLY D 270 17.29 -26.11 20.07
N LEU D 271 17.36 -27.02 19.10
CA LEU D 271 18.30 -26.96 17.99
C LEU D 271 17.70 -27.54 16.73
N PHE D 272 18.23 -27.18 15.55
CA PHE D 272 17.76 -27.77 14.29
C PHE D 272 18.96 -28.25 13.43
N SER D 273 18.74 -29.35 12.70
CA SER D 273 19.70 -29.83 11.72
C SER D 273 18.90 -30.14 10.47
N LEU D 274 19.40 -29.69 9.31
CA LEU D 274 18.70 -29.94 8.07
C LEU D 274 19.64 -30.29 6.93
N VAL D 275 19.19 -31.15 6.03
CA VAL D 275 19.94 -31.50 4.84
C VAL D 275 19.07 -31.09 3.66
N ALA D 276 19.56 -30.14 2.88
CA ALA D 276 18.82 -29.64 1.73
C ALA D 276 19.63 -29.76 0.43
N ARG D 277 18.95 -29.76 -0.70
CA ARG D 277 19.59 -29.85 -2.02
C ARG D 277 19.54 -28.48 -2.75
N LYS D 278 20.59 -28.17 -3.53
CA LYS D 278 20.65 -26.94 -4.31
C LYS D 278 19.75 -27.14 -5.54
N LEU D 279 18.76 -26.25 -5.74
CA LEU D 279 17.82 -26.40 -6.86
C LEU D 279 18.29 -25.79 -8.17
#